data_1TT4
#
_entry.id   1TT4
#
_cell.length_a   188.929
_cell.length_b   188.929
_cell.length_c   188.929
_cell.angle_alpha   90.00
_cell.angle_beta   90.00
_cell.angle_gamma   90.00
#
_symmetry.space_group_name_H-M   'I 2 3'
#
loop_
_entity.id
_entity.type
_entity.pdbx_description
1 polymer 'putative cytoplasmic protein'
2 non-polymer 'MAGNESIUM ION'
3 non-polymer 'SULFATE ION'
4 water water
#
_entity_poly.entity_id   1
_entity_poly.type   'polypeptide(L)'
_entity_poly.pdbx_seq_one_letter_code
;MHHHHHHSSGVDLGTENLYFQSNAMALNDFHVSEPYTLGIELEMQVINPPGYDLSQDSSTLIDAVKPQLTAGEIKHDITE
SMLEMATGVCRDIDQAAAQLSAMQHVILQAASEHHLGICGGGTHPFQKWQRQEVCDNERYQRTLENFGYLIQQATVFGQH
VHVGCANGDDAIYLLHGLSHFVPHFIALSAASPYMQGADTRFACARLNIFSAFPDNGPMPWVSNWQEFAGLFRRLSYTTM
IDSIKDLHWDIRPSPAFGTVEVRVMDTPLTLDHAINMAGLIQATAHWLLTERPFKPQEQDYLLYKFNRFQACRYGLEGVL
TDAYTGDRRRLADDTLRLLDNVTPSARKLGADSAIDALRLQVKKGGNEAQYMREFIADGGSLIGLVQKHCEIWAGQ
;
_entity_poly.pdbx_strand_id   A,B
#
# COMPACT_ATOMS: atom_id res chain seq x y z
N ASP A 29 -24.42 6.61 18.21
CA ASP A 29 -23.20 6.12 18.87
C ASP A 29 -22.26 7.29 19.20
N PHE A 30 -22.58 8.52 18.77
CA PHE A 30 -21.61 9.64 18.77
C PHE A 30 -21.69 10.59 19.96
N HIS A 31 -20.68 10.54 20.84
CA HIS A 31 -20.59 11.48 21.95
C HIS A 31 -20.67 12.91 21.44
N VAL A 32 -21.43 13.76 22.12
CA VAL A 32 -21.62 15.15 21.70
C VAL A 32 -20.54 16.05 22.27
N SER A 33 -19.85 16.74 21.37
CA SER A 33 -18.73 17.61 21.70
C SER A 33 -19.17 19.07 21.53
N GLU A 34 -18.53 19.96 22.28
CA GLU A 34 -18.55 21.38 21.94
C GLU A 34 -17.87 21.48 20.58
N PRO A 35 -18.55 21.97 19.56
CA PRO A 35 -17.95 22.08 18.22
C PRO A 35 -16.65 22.88 18.20
N TYR A 36 -15.68 22.41 17.41
CA TYR A 36 -14.42 23.10 17.16
C TYR A 36 -13.40 22.97 18.29
N THR A 37 -13.78 22.26 19.34
CA THR A 37 -12.86 21.69 20.33
C THR A 37 -11.61 21.06 19.66
N LEU A 38 -10.48 21.05 20.36
CA LEU A 38 -9.20 20.64 19.77
C LEU A 38 -8.40 19.71 20.69
N GLY A 39 -7.75 18.71 20.11
CA GLY A 39 -6.92 17.77 20.87
C GLY A 39 -5.69 17.33 20.08
N ILE A 40 -4.52 17.30 20.71
CA ILE A 40 -3.31 16.94 19.98
C ILE A 40 -2.61 15.74 20.59
N GLU A 41 -2.37 14.73 19.76
CA GLU A 41 -1.40 13.68 20.05
C GLU A 41 -0.10 13.97 19.30
N LEU A 42 1.03 13.77 19.96
CA LEU A 42 2.35 13.84 19.32
C LEU A 42 3.19 12.62 19.69
N GLU A 43 3.67 11.89 18.67
CA GLU A 43 4.55 10.73 18.88
C GLU A 43 6.01 11.18 18.79
N MET A 44 6.74 11.04 19.91
CA MET A 44 8.05 11.66 20.07
C MET A 44 9.18 10.62 20.10
N GLN A 45 10.19 10.84 19.25
CA GLN A 45 11.40 10.01 19.24
C GLN A 45 12.18 10.17 20.56
N VAL A 46 12.61 9.05 21.12
CA VAL A 46 13.54 9.03 22.26
C VAL A 46 14.94 8.62 21.78
N ILE A 47 15.94 9.45 22.05
CA ILE A 47 17.28 9.27 21.49
C ILE A 47 18.34 8.86 22.54
N ASN A 48 19.49 8.35 22.08
CA ASN A 48 20.59 7.94 22.96
C ASN A 48 21.87 8.74 22.67
N PRO A 49 22.10 9.75 23.53
CA PRO A 49 23.10 10.82 23.35
C PRO A 49 24.52 10.55 22.85
N PRO A 50 25.16 9.42 23.12
CA PRO A 50 26.45 9.11 22.49
C PRO A 50 26.29 9.06 20.96
N GLY A 51 25.73 7.94 20.47
CA GLY A 51 25.58 7.66 19.05
C GLY A 51 24.27 8.09 18.41
N TYR A 52 23.31 8.52 19.22
CA TYR A 52 22.05 9.11 18.74
C TYR A 52 21.11 8.17 17.97
N ASP A 53 21.21 6.87 18.28
CA ASP A 53 20.26 5.89 17.75
C ASP A 53 18.99 5.96 18.58
N LEU A 54 17.93 5.26 18.16
CA LEU A 54 16.70 5.19 18.93
C LEU A 54 16.92 4.43 20.23
N SER A 55 16.42 5.01 21.32
CA SER A 55 16.58 4.43 22.64
C SER A 55 15.93 3.07 22.72
N GLN A 56 16.25 2.35 23.79
CA GLN A 56 15.70 1.01 24.03
C GLN A 56 14.66 1.02 25.14
N ASP A 57 14.76 1.91 26.13
CA ASP A 57 13.78 1.94 27.22
C ASP A 57 13.21 3.31 27.54
N SER A 58 12.06 3.57 26.95
CA SER A 58 11.28 4.75 27.26
C SER A 58 10.22 4.48 28.32
N SER A 59 10.14 3.26 28.86
CA SER A 59 9.21 3.01 29.96
C SER A 59 9.85 3.33 31.33
N THR A 60 11.13 3.69 31.30
CA THR A 60 11.85 4.21 32.46
C THR A 60 11.74 5.73 32.53
N LEU A 61 11.64 6.36 31.36
CA LEU A 61 11.44 7.81 31.24
C LEU A 61 9.98 8.15 31.55
N ILE A 62 9.08 7.40 30.91
CA ILE A 62 7.65 7.56 31.09
C ILE A 62 7.21 7.32 32.53
N ASP A 63 7.87 6.39 33.22
CA ASP A 63 7.51 6.09 34.60
C ASP A 63 8.11 7.11 35.58
N ALA A 64 9.26 7.66 35.22
CA ALA A 64 9.81 8.79 35.95
C ALA A 64 8.89 10.01 35.84
N VAL A 65 8.32 10.19 34.64
CA VAL A 65 7.59 11.40 34.31
C VAL A 65 6.18 11.50 34.95
N LYS A 66 5.38 10.46 34.79
CA LYS A 66 3.98 10.46 35.26
C LYS A 66 3.78 11.13 36.63
N PRO A 67 4.51 10.68 37.65
CA PRO A 67 4.48 11.36 38.95
C PRO A 67 4.44 12.89 38.87
N GLN A 68 5.36 13.49 38.13
CA GLN A 68 5.53 14.95 38.13
C GLN A 68 4.65 15.70 37.12
N LEU A 69 3.60 15.07 36.62
CA LEU A 69 2.77 15.66 35.56
C LEU A 69 1.65 16.49 36.17
N THR A 70 1.29 17.59 35.51
CA THR A 70 0.11 18.38 35.90
C THR A 70 -0.98 18.27 34.82
N ALA A 71 -0.67 18.75 33.62
CA ALA A 71 -1.61 18.69 32.50
C ALA A 71 -1.18 17.68 31.43
N GLY A 72 -2.15 16.98 30.88
CA GLY A 72 -1.92 16.05 29.78
C GLY A 72 -1.73 14.60 30.20
N GLU A 73 -1.64 13.73 29.20
CA GLU A 73 -1.32 12.32 29.39
C GLU A 73 -0.08 11.93 28.58
N ILE A 74 0.83 11.20 29.21
CA ILE A 74 1.96 10.59 28.53
C ILE A 74 1.71 9.09 28.48
N LYS A 75 1.83 8.48 27.30
CA LYS A 75 1.49 7.08 27.14
C LYS A 75 2.61 6.20 26.56
N HIS A 76 2.58 4.93 26.95
N HIS A 76 2.57 4.93 26.96
CA HIS A 76 3.51 3.93 26.46
CA HIS A 76 3.49 3.91 26.48
C HIS A 76 3.02 3.37 25.14
C HIS A 76 3.00 3.38 25.14
N ASP A 77 3.90 3.33 24.15
CA ASP A 77 3.59 2.67 22.88
C ASP A 77 4.22 1.28 22.88
N ILE A 78 4.52 0.70 21.72
CA ILE A 78 5.04 -0.67 21.74
C ILE A 78 6.58 -0.73 21.72
N THR A 79 7.23 -0.49 20.58
CA THR A 79 8.70 -0.45 20.62
C THR A 79 9.05 0.65 21.61
N GLU A 80 10.10 0.44 22.36
CA GLU A 80 10.33 1.35 23.46
C GLU A 80 11.25 2.50 23.06
N SER A 81 11.01 3.07 21.88
CA SER A 81 11.78 4.23 21.41
C SER A 81 10.84 5.39 21.05
N MET A 82 9.66 5.39 21.66
CA MET A 82 8.61 6.39 21.40
C MET A 82 7.94 6.88 22.70
N LEU A 83 7.63 8.18 22.73
CA LEU A 83 6.92 8.81 23.84
C LEU A 83 5.74 9.62 23.30
N GLU A 84 4.53 9.09 23.46
CA GLU A 84 3.32 9.81 23.05
C GLU A 84 2.92 10.84 24.11
N MET A 85 2.68 12.07 23.71
CA MET A 85 2.11 13.09 24.60
C MET A 85 0.79 13.54 24.03
N ALA A 86 -0.21 13.71 24.88
CA ALA A 86 -1.53 14.15 24.43
C ALA A 86 -2.14 15.21 25.35
N THR A 87 -2.69 16.26 24.75
CA THR A 87 -3.48 17.22 25.48
C THR A 87 -4.78 16.59 25.94
N GLY A 88 -5.48 17.29 26.82
CA GLY A 88 -6.86 17.00 27.11
C GLY A 88 -7.69 17.70 26.06
N VAL A 89 -8.99 17.78 26.27
CA VAL A 89 -9.86 18.53 25.37
C VAL A 89 -9.58 20.03 25.54
N CYS A 90 -9.15 20.69 24.46
CA CYS A 90 -8.78 22.11 24.48
C CYS A 90 -9.74 23.02 23.72
N ARG A 91 -9.96 24.22 24.23
CA ARG A 91 -10.95 25.11 23.62
C ARG A 91 -10.33 26.02 22.54
N ASP A 92 -9.00 26.09 22.47
CA ASP A 92 -8.28 26.82 21.41
C ASP A 92 -6.77 26.49 21.41
N ILE A 93 -6.02 26.97 20.42
CA ILE A 93 -4.60 26.60 20.32
C ILE A 93 -3.71 27.18 21.40
N ASP A 94 -4.17 28.20 22.12
CA ASP A 94 -3.42 28.75 23.25
C ASP A 94 -3.40 27.75 24.40
N GLN A 95 -4.57 27.22 24.71
CA GLN A 95 -4.69 26.19 25.75
C GLN A 95 -3.90 24.93 25.34
N ALA A 96 -3.98 24.58 24.06
CA ALA A 96 -3.27 23.41 23.53
C ALA A 96 -1.77 23.62 23.67
N ALA A 97 -1.32 24.80 23.26
CA ALA A 97 0.11 25.12 23.21
C ALA A 97 0.75 25.07 24.59
N ALA A 98 0.01 25.52 25.60
CA ALA A 98 0.53 25.63 26.96
C ALA A 98 0.44 24.30 27.72
N GLN A 99 -0.43 23.41 27.26
CA GLN A 99 -0.48 22.04 27.79
C GLN A 99 0.70 21.25 27.23
N LEU A 100 1.06 21.55 25.98
CA LEU A 100 2.22 20.94 25.33
C LEU A 100 3.52 21.32 26.03
N SER A 101 3.66 22.58 26.44
CA SER A 101 4.82 23.05 27.18
C SER A 101 4.91 22.47 28.58
N ALA A 102 3.76 22.36 29.25
CA ALA A 102 3.70 21.79 30.59
C ALA A 102 4.16 20.31 30.60
N MET A 103 3.89 19.60 29.51
CA MET A 103 4.40 18.24 29.31
C MET A 103 5.89 18.26 28.89
N GLN A 104 6.25 19.16 27.98
CA GLN A 104 7.63 19.27 27.52
C GLN A 104 8.59 19.57 28.67
N HIS A 105 8.25 20.56 29.47
CA HIS A 105 9.09 20.96 30.58
C HIS A 105 9.42 19.76 31.49
N VAL A 106 8.39 18.96 31.82
CA VAL A 106 8.58 17.77 32.65
C VAL A 106 9.38 16.67 31.94
N ILE A 107 9.13 16.50 30.64
CA ILE A 107 9.79 15.50 29.82
C ILE A 107 11.30 15.78 29.70
N LEU A 108 11.65 17.00 29.26
CA LEU A 108 13.04 17.44 29.15
C LEU A 108 13.78 17.35 30.49
N GLN A 109 13.06 17.47 31.60
CA GLN A 109 13.67 17.38 32.93
C GLN A 109 14.16 15.96 33.17
N ALA A 110 13.24 15.00 33.18
CA ALA A 110 13.55 13.60 33.41
C ALA A 110 14.43 12.98 32.33
N ALA A 111 14.58 13.66 31.19
CA ALA A 111 15.42 13.17 30.09
C ALA A 111 16.89 13.42 30.40
N SER A 112 17.21 14.63 30.82
CA SER A 112 18.54 14.94 31.37
C SER A 112 19.01 13.90 32.39
N GLU A 113 18.12 13.59 33.33
CA GLU A 113 18.43 12.71 34.45
C GLU A 113 18.70 11.26 34.04
N HIS A 114 18.15 10.80 32.92
CA HIS A 114 18.44 9.45 32.42
C HIS A 114 19.40 9.48 31.22
N HIS A 115 19.96 10.66 30.93
CA HIS A 115 20.92 10.84 29.85
C HIS A 115 20.32 10.42 28.51
N LEU A 116 19.11 10.93 28.25
CA LEU A 116 18.36 10.69 27.01
C LEU A 116 18.03 12.00 26.28
N GLY A 117 17.68 11.88 25.01
CA GLY A 117 17.25 13.01 24.20
C GLY A 117 15.82 12.83 23.72
N ILE A 118 15.21 13.91 23.24
CA ILE A 118 13.87 13.85 22.66
C ILE A 118 13.81 14.74 21.44
N CYS A 119 13.32 14.19 20.33
CA CYS A 119 13.05 14.99 19.14
C CYS A 119 11.83 14.50 18.35
N GLY A 120 11.43 15.32 17.40
CA GLY A 120 10.41 14.94 16.43
C GLY A 120 11.04 14.45 15.15
N GLY A 121 10.26 14.49 14.07
CA GLY A 121 10.63 13.87 12.82
C GLY A 121 9.69 12.70 12.56
N GLY A 122 9.33 12.49 11.30
CA GLY A 122 8.45 11.39 10.91
C GLY A 122 9.14 10.03 10.90
N THR A 123 10.45 10.03 10.65
CA THR A 123 11.26 8.85 10.84
C THR A 123 12.51 9.22 11.63
N HIS A 124 13.17 8.21 12.17
CA HIS A 124 14.53 8.36 12.62
C HIS A 124 15.42 8.19 11.39
N PRO A 125 16.26 9.19 11.11
CA PRO A 125 17.06 9.22 9.88
C PRO A 125 17.90 7.97 9.55
N PHE A 126 18.35 7.17 10.52
CA PHE A 126 19.22 6.05 10.19
C PHE A 126 19.03 4.73 10.95
N GLN A 127 18.24 4.69 12.02
CA GLN A 127 18.07 3.44 12.74
C GLN A 127 17.55 2.36 11.79
N LYS A 128 18.14 1.17 11.86
CA LYS A 128 17.63 -0.02 11.16
C LYS A 128 16.86 -0.92 12.15
N TRP A 129 16.07 -1.85 11.60
CA TRP A 129 15.18 -2.68 12.41
C TRP A 129 15.30 -2.39 13.90
N ARG A 142 2.90 -10.37 19.24
CA ARG A 142 1.65 -10.98 18.73
C ARG A 142 1.09 -10.27 17.49
N THR A 143 1.38 -8.98 17.35
CA THR A 143 1.06 -8.27 16.10
C THR A 143 2.02 -8.73 15.02
N LEU A 144 3.12 -9.38 15.46
CA LEU A 144 4.13 -9.97 14.59
C LEU A 144 3.57 -11.11 13.76
N GLU A 145 2.75 -11.94 14.39
CA GLU A 145 2.15 -13.03 13.65
C GLU A 145 1.28 -12.43 12.56
N ASN A 146 0.39 -11.53 12.92
CA ASN A 146 -0.54 -10.98 11.95
C ASN A 146 0.11 -10.28 10.74
N PHE A 147 1.26 -9.62 10.91
CA PHE A 147 1.79 -8.73 9.85
C PHE A 147 3.25 -8.98 9.44
N GLY A 148 3.96 -9.84 10.16
CA GLY A 148 5.31 -10.24 9.80
C GLY A 148 6.33 -9.10 9.71
N TYR A 149 7.16 -9.13 8.68
CA TYR A 149 8.18 -8.11 8.42
C TYR A 149 7.63 -6.70 8.12
N LEU A 150 6.30 -6.55 8.05
CA LEU A 150 5.71 -5.25 7.74
C LEU A 150 5.84 -4.28 8.92
N ILE A 151 5.84 -4.80 10.13
CA ILE A 151 6.04 -3.97 11.33
C ILE A 151 7.49 -4.04 11.84
N GLN A 152 8.43 -4.36 10.97
CA GLN A 152 9.83 -4.50 11.36
C GLN A 152 10.72 -3.63 10.50
N GLN A 153 10.15 -2.59 9.91
CA GLN A 153 10.92 -1.59 9.17
C GLN A 153 11.20 -0.43 10.12
N ALA A 154 11.23 0.79 9.60
CA ALA A 154 11.36 1.96 10.46
C ALA A 154 10.20 2.03 11.46
N THR A 155 10.49 2.34 12.71
CA THR A 155 9.42 2.75 13.61
C THR A 155 9.16 4.20 13.24
N VAL A 156 7.94 4.65 13.45
CA VAL A 156 7.45 5.80 12.72
C VAL A 156 6.61 6.71 13.65
N PHE A 157 6.64 8.02 13.39
CA PHE A 157 6.18 9.02 14.36
C PHE A 157 5.28 10.09 13.75
N GLY A 158 4.02 10.13 14.18
CA GLY A 158 3.03 11.04 13.62
C GLY A 158 2.38 12.00 14.59
N GLN A 159 1.82 13.08 14.06
CA GLN A 159 0.99 13.99 14.85
C GLN A 159 -0.47 13.74 14.48
N HIS A 160 -1.31 13.58 15.49
CA HIS A 160 -2.75 13.47 15.27
C HIS A 160 -3.42 14.73 15.82
N VAL A 161 -4.43 15.22 15.09
CA VAL A 161 -5.27 16.32 15.54
C VAL A 161 -6.74 15.92 15.56
N HIS A 162 -7.39 16.13 16.71
CA HIS A 162 -8.81 15.88 16.92
C HIS A 162 -9.59 17.21 16.81
N VAL A 163 -10.77 17.18 16.19
CA VAL A 163 -11.69 18.31 16.21
C VAL A 163 -13.11 17.90 16.61
N GLY A 164 -13.69 18.63 17.56
CA GLY A 164 -15.01 18.31 18.09
C GLY A 164 -16.17 18.58 17.15
N CYS A 165 -17.18 17.74 17.26
CA CYS A 165 -18.37 17.82 16.42
C CYS A 165 -19.63 17.66 17.24
N ALA A 166 -20.72 18.21 16.74
CA ALA A 166 -21.96 18.24 17.49
C ALA A 166 -22.67 16.89 17.50
N ASN A 167 -22.68 16.17 16.38
CA ASN A 167 -23.62 15.06 16.25
C ASN A 167 -23.21 13.83 15.45
N GLY A 168 -22.22 13.91 14.57
CA GLY A 168 -21.81 12.71 13.84
C GLY A 168 -22.12 12.69 12.35
N ASP A 169 -23.30 13.19 11.97
CA ASP A 169 -23.56 13.54 10.58
C ASP A 169 -22.61 14.67 10.19
N ASP A 170 -22.44 15.65 11.09
CA ASP A 170 -21.44 16.70 10.91
C ASP A 170 -20.03 16.11 10.77
N ALA A 171 -19.74 15.08 11.56
CA ALA A 171 -18.42 14.46 11.54
C ALA A 171 -18.06 13.89 10.15
N ILE A 172 -19.02 13.23 9.51
CA ILE A 172 -18.81 12.66 8.19
C ILE A 172 -18.67 13.76 7.14
N TYR A 173 -19.48 14.80 7.24
CA TYR A 173 -19.36 15.93 6.33
C TYR A 173 -17.96 16.57 6.45
N LEU A 174 -17.52 16.74 7.69
CA LEU A 174 -16.23 17.34 7.98
C LEU A 174 -15.08 16.47 7.48
N LEU A 175 -15.21 15.16 7.63
CA LEU A 175 -14.20 14.20 7.20
C LEU A 175 -13.94 14.34 5.70
N HIS A 176 -15.02 14.30 4.92
CA HIS A 176 -14.97 14.46 3.48
C HIS A 176 -14.33 15.78 3.09
N GLY A 177 -14.68 16.85 3.80
CA GLY A 177 -14.14 18.17 3.56
C GLY A 177 -12.64 18.24 3.81
N LEU A 178 -12.21 17.66 4.93
CA LEU A 178 -10.80 17.64 5.29
C LEU A 178 -9.99 16.73 4.35
N SER A 179 -10.67 15.79 3.70
CA SER A 179 -10.01 14.86 2.78
C SER A 179 -9.49 15.55 1.49
N HIS A 180 -10.14 16.64 1.10
N HIS A 180 -10.12 16.65 1.09
CA HIS A 180 -9.72 17.47 -0.02
CA HIS A 180 -9.68 17.40 -0.10
C HIS A 180 -8.34 18.08 0.24
C HIS A 180 -8.33 18.09 0.17
N PHE A 181 -8.01 18.40 1.52
CA PHE A 181 -6.74 19.03 1.91
C PHE A 181 -5.77 18.11 2.64
N VAL A 182 -5.90 16.81 2.40
CA VAL A 182 -4.97 15.84 2.96
C VAL A 182 -3.59 16.02 2.33
N PRO A 183 -3.52 16.23 1.01
CA PRO A 183 -2.25 16.57 0.36
C PRO A 183 -1.62 17.80 0.99
N HIS A 184 -2.44 18.84 1.16
CA HIS A 184 -1.97 20.10 1.75
C HIS A 184 -1.38 19.88 3.13
N PHE A 185 -2.10 19.19 3.99
CA PHE A 185 -1.64 18.91 5.34
C PHE A 185 -0.31 18.16 5.31
N ILE A 186 -0.21 17.15 4.44
CA ILE A 186 0.97 16.32 4.36
C ILE A 186 2.18 17.14 3.96
N ALA A 187 1.98 18.02 2.98
CA ALA A 187 3.06 18.83 2.40
C ALA A 187 3.50 19.99 3.31
N LEU A 188 2.57 20.49 4.12
CA LEU A 188 2.91 21.52 5.10
C LEU A 188 3.76 20.93 6.23
N SER A 189 3.63 19.63 6.47
CA SER A 189 4.20 18.98 7.67
C SER A 189 5.28 17.92 7.39
N ALA A 190 5.63 17.71 6.12
CA ALA A 190 6.55 16.64 5.75
C ALA A 190 7.87 16.79 6.51
N ALA A 191 8.30 15.70 7.14
CA ALA A 191 9.49 15.75 7.96
C ALA A 191 10.12 14.36 8.06
N SER A 192 10.23 13.69 6.91
CA SER A 192 10.75 12.33 6.88
C SER A 192 11.41 11.97 5.54
N PRO A 193 12.44 12.70 5.14
CA PRO A 193 13.14 12.41 3.89
C PRO A 193 14.14 11.27 4.02
N TYR A 194 14.62 11.00 5.23
CA TYR A 194 15.65 9.99 5.45
C TYR A 194 15.16 8.72 6.15
N MET A 195 15.39 7.58 5.50
CA MET A 195 15.08 6.28 6.05
C MET A 195 16.26 5.32 5.84
N GLN A 196 16.52 4.51 6.85
CA GLN A 196 17.51 3.43 6.76
C GLN A 196 18.82 3.87 6.11
N GLY A 197 19.34 5.02 6.52
CA GLY A 197 20.63 5.49 6.08
C GLY A 197 20.68 6.35 4.83
N ALA A 198 19.61 6.40 4.04
CA ALA A 198 19.65 7.05 2.72
C ALA A 198 18.50 8.00 2.44
N ASP A 199 18.75 8.93 1.53
CA ASP A 199 17.75 9.86 1.03
C ASP A 199 16.79 9.12 0.11
N THR A 200 15.49 9.21 0.41
CA THR A 200 14.47 8.47 -0.34
C THR A 200 13.92 9.26 -1.53
N ARG A 201 14.23 10.56 -1.58
CA ARG A 201 13.67 11.53 -2.53
C ARG A 201 12.19 11.91 -2.23
N PHE A 202 11.66 11.44 -1.10
CA PHE A 202 10.31 11.79 -0.66
C PHE A 202 10.44 12.86 0.42
N ALA A 203 9.49 13.77 0.49
CA ALA A 203 9.45 14.70 1.62
C ALA A 203 8.87 13.98 2.84
N CYS A 204 7.83 13.17 2.59
CA CYS A 204 7.23 12.31 3.61
C CYS A 204 7.26 10.85 3.15
N ALA A 205 8.19 10.09 3.70
CA ALA A 205 8.31 8.66 3.40
C ALA A 205 7.67 7.83 4.49
N ARG A 206 7.36 8.49 5.61
CA ARG A 206 6.73 7.84 6.75
C ARG A 206 5.47 7.09 6.35
N LEU A 207 4.59 7.74 5.60
CA LEU A 207 3.30 7.16 5.22
C LEU A 207 3.39 5.93 4.34
N ASN A 208 4.47 5.84 3.55
CA ASN A 208 4.73 4.67 2.70
C ASN A 208 4.80 3.34 3.44
N ILE A 209 5.26 3.33 4.68
CA ILE A 209 5.46 2.09 5.39
C ILE A 209 4.15 1.47 5.90
N PHE A 210 3.03 2.15 5.67
CA PHE A 210 1.71 1.66 6.10
C PHE A 210 0.89 1.08 4.94
N SER A 211 1.42 1.15 3.72
CA SER A 211 0.61 1.00 2.52
C SER A 211 0.19 -0.42 2.12
N ALA A 212 0.82 -1.44 2.68
CA ALA A 212 0.47 -2.81 2.34
C ALA A 212 -0.57 -3.36 3.32
N PHE A 213 -0.89 -2.58 4.34
CA PHE A 213 -1.97 -2.88 5.27
C PHE A 213 -3.30 -2.64 4.53
N PRO A 214 -4.28 -3.52 4.72
CA PRO A 214 -5.55 -3.43 3.99
C PRO A 214 -6.39 -2.21 4.32
N ASP A 215 -6.12 -1.57 5.46
CA ASP A 215 -6.91 -0.45 5.97
C ASP A 215 -6.28 0.92 5.70
N ASN A 216 -5.22 0.93 4.90
CA ASN A 216 -4.49 2.14 4.61
C ASN A 216 -5.23 3.05 3.62
N GLY A 217 -4.95 4.35 3.68
CA GLY A 217 -5.50 5.30 2.74
C GLY A 217 -6.80 5.91 3.22
N PRO A 218 -7.68 6.28 2.30
CA PRO A 218 -8.94 6.94 2.67
C PRO A 218 -9.99 5.97 3.18
N MET A 219 -10.85 6.45 4.08
CA MET A 219 -12.02 5.71 4.52
C MET A 219 -12.93 5.43 3.34
N PRO A 220 -13.39 4.19 3.19
CA PRO A 220 -14.38 3.89 2.16
C PRO A 220 -15.57 4.87 2.26
N TRP A 221 -16.20 5.11 1.13
CA TRP A 221 -17.27 6.08 1.06
C TRP A 221 -18.53 5.69 1.82
N VAL A 222 -18.94 6.57 2.73
CA VAL A 222 -20.29 6.62 3.26
C VAL A 222 -20.78 8.08 3.15
N SER A 223 -22.09 8.31 3.20
CA SER A 223 -22.63 9.67 3.10
C SER A 223 -23.05 10.26 4.42
N ASN A 224 -23.33 9.41 5.40
CA ASN A 224 -23.76 9.89 6.70
C ASN A 224 -23.41 8.91 7.83
N TRP A 225 -23.77 9.27 9.06
CA TRP A 225 -23.43 8.47 10.22
C TRP A 225 -24.15 7.11 10.28
N GLN A 226 -25.36 7.03 9.73
CA GLN A 226 -26.09 5.78 9.71
C GLN A 226 -25.33 4.74 8.87
N GLU A 227 -24.88 5.20 7.70
CA GLU A 227 -24.08 4.39 6.78
C GLU A 227 -22.68 4.09 7.30
N PHE A 228 -22.09 5.00 8.08
CA PHE A 228 -20.78 4.72 8.68
C PHE A 228 -20.87 3.55 9.66
N ALA A 229 -21.93 3.56 10.47
CA ALA A 229 -22.20 2.49 11.41
C ALA A 229 -22.40 1.17 10.68
N GLY A 230 -23.00 1.23 9.48
CA GLY A 230 -23.13 0.07 8.62
C GLY A 230 -21.79 -0.42 8.10
N LEU A 231 -20.94 0.49 7.67
CA LEU A 231 -19.58 0.16 7.23
C LEU A 231 -18.77 -0.53 8.34
N PHE A 232 -18.81 0.03 9.56
CA PHE A 232 -17.99 -0.49 10.64
C PHE A 232 -18.48 -1.88 11.06
N ARG A 233 -19.78 -2.08 10.98
CA ARG A 233 -20.39 -3.37 11.30
C ARG A 233 -19.85 -4.45 10.35
N ARG A 234 -19.79 -4.13 9.06
CA ARG A 234 -19.33 -5.06 8.04
C ARG A 234 -17.82 -5.28 8.07
N LEU A 235 -17.05 -4.22 8.22
CA LEU A 235 -15.61 -4.36 8.34
C LEU A 235 -15.23 -5.23 9.53
N SER A 236 -16.01 -5.15 10.61
CA SER A 236 -15.63 -5.80 11.87
C SER A 236 -15.98 -7.30 11.89
N TYR A 237 -16.74 -7.74 10.90
CA TYR A 237 -16.91 -9.16 10.62
C TYR A 237 -15.58 -9.88 10.36
N THR A 238 -14.54 -9.14 9.98
CA THR A 238 -13.21 -9.73 9.75
C THR A 238 -12.54 -10.09 11.06
N THR A 239 -11.49 -10.89 10.97
CA THR A 239 -10.71 -11.25 12.13
C THR A 239 -9.90 -10.03 12.58
N MET A 240 -9.43 -9.24 11.61
CA MET A 240 -8.45 -8.18 11.84
C MET A 240 -8.96 -6.93 12.53
N ILE A 241 -10.28 -6.74 12.55
CA ILE A 241 -10.87 -5.52 13.08
C ILE A 241 -11.92 -5.79 14.17
N ASP A 242 -11.60 -5.36 15.39
CA ASP A 242 -12.47 -5.50 16.56
C ASP A 242 -13.00 -4.15 17.02
N SER A 243 -12.29 -3.07 16.67
CA SER A 243 -12.65 -1.74 17.13
C SER A 243 -12.31 -0.63 16.14
N ILE A 244 -12.79 0.58 16.45
CA ILE A 244 -12.46 1.79 15.70
C ILE A 244 -10.96 2.01 15.66
N LYS A 245 -10.28 1.73 16.76
CA LYS A 245 -8.84 1.96 16.87
C LYS A 245 -8.06 1.09 15.89
N ASP A 246 -8.64 -0.02 15.43
CA ASP A 246 -7.94 -0.94 14.52
C ASP A 246 -7.91 -0.47 13.07
N LEU A 247 -8.53 0.67 12.77
CA LEU A 247 -8.69 1.15 11.39
C LEU A 247 -7.84 2.38 11.11
N HIS A 248 -6.69 2.17 10.51
CA HIS A 248 -5.67 3.21 10.37
C HIS A 248 -5.86 4.07 9.12
N TRP A 249 -7.06 4.66 9.02
CA TRP A 249 -7.42 5.60 7.96
C TRP A 249 -6.69 6.95 8.09
N ASP A 250 -6.58 7.67 6.97
CA ASP A 250 -6.02 9.02 6.97
C ASP A 250 -6.79 9.97 7.89
N ILE A 251 -8.10 9.78 7.94
CA ILE A 251 -9.00 10.60 8.74
C ILE A 251 -10.09 9.65 9.23
N ARG A 252 -10.30 9.57 10.55
CA ARG A 252 -11.38 8.74 11.06
C ARG A 252 -12.13 9.38 12.23
N PRO A 253 -13.42 9.11 12.29
CA PRO A 253 -14.27 9.66 13.34
C PRO A 253 -14.10 8.85 14.61
N SER A 254 -14.13 9.52 15.77
CA SER A 254 -14.16 8.83 17.04
C SER A 254 -15.52 9.02 17.69
N PRO A 255 -16.35 7.97 17.68
CA PRO A 255 -17.59 7.98 18.47
C PRO A 255 -17.39 8.34 19.95
N ALA A 256 -16.36 7.77 20.59
CA ALA A 256 -16.18 7.92 22.04
C ALA A 256 -15.80 9.35 22.46
N PHE A 257 -14.87 9.97 21.74
CA PHE A 257 -14.37 11.31 22.05
C PHE A 257 -15.21 12.39 21.40
N GLY A 258 -16.04 12.01 20.43
CA GLY A 258 -16.88 12.94 19.71
C GLY A 258 -16.10 13.82 18.76
N THR A 259 -15.22 13.21 17.97
CA THR A 259 -14.29 13.97 17.12
C THR A 259 -14.07 13.43 15.71
N VAL A 260 -13.31 14.19 14.94
CA VAL A 260 -12.71 13.73 13.70
C VAL A 260 -11.19 13.87 13.83
N GLU A 261 -10.48 12.77 13.66
CA GLU A 261 -9.03 12.73 13.87
C GLU A 261 -8.32 12.72 12.52
N VAL A 262 -7.46 13.70 12.26
CA VAL A 262 -6.62 13.64 11.06
C VAL A 262 -5.24 13.14 11.45
N ARG A 263 -4.75 12.14 10.73
CA ARG A 263 -3.61 11.33 11.18
C ARG A 263 -2.45 11.28 10.20
N VAL A 264 -2.49 12.10 9.15
CA VAL A 264 -1.51 12.04 8.08
C VAL A 264 -0.20 12.77 8.38
N MET A 265 -0.17 13.63 9.38
CA MET A 265 1.00 14.50 9.61
C MET A 265 2.17 13.76 10.28
N ASP A 266 3.39 14.01 9.80
CA ASP A 266 4.60 13.59 10.49
C ASP A 266 4.77 14.41 11.76
N THR A 267 5.26 13.79 12.83
CA THR A 267 5.64 14.51 14.03
C THR A 267 6.66 15.58 13.62
N PRO A 268 6.40 16.85 13.94
CA PRO A 268 7.29 17.92 13.50
C PRO A 268 8.48 18.09 14.46
N LEU A 269 9.44 18.93 14.05
CA LEU A 269 10.68 19.11 14.82
C LEU A 269 10.49 19.97 16.06
N THR A 270 9.33 20.62 16.16
CA THR A 270 9.11 21.69 17.14
C THR A 270 7.65 21.76 17.63
N LEU A 271 7.40 22.37 18.79
CA LEU A 271 6.02 22.51 19.28
C LEU A 271 5.20 23.57 18.51
N ASP A 272 5.84 24.66 18.09
CA ASP A 272 5.17 25.73 17.34
C ASP A 272 4.57 25.21 16.03
N HIS A 273 5.31 24.36 15.33
CA HIS A 273 4.86 23.83 14.04
C HIS A 273 3.66 22.86 14.21
N ALA A 274 3.67 22.09 15.30
CA ALA A 274 2.55 21.23 15.64
C ALA A 274 1.29 22.07 15.92
N ILE A 275 1.44 23.09 16.74
CA ILE A 275 0.35 23.99 17.10
C ILE A 275 -0.20 24.70 15.87
N ASN A 276 0.68 24.99 14.91
CA ASN A 276 0.27 25.68 13.68
C ASN A 276 -0.60 24.80 12.80
N MET A 277 -0.32 23.49 12.81
CA MET A 277 -1.09 22.53 12.01
C MET A 277 -2.42 22.26 12.68
N ALA A 278 -2.42 22.27 14.01
CA ALA A 278 -3.66 22.12 14.77
C ALA A 278 -4.60 23.28 14.50
N GLY A 279 -4.04 24.48 14.37
CA GLY A 279 -4.86 25.66 14.15
C GLY A 279 -5.43 25.66 12.76
N LEU A 280 -4.66 25.17 11.80
CA LEU A 280 -5.10 25.13 10.42
C LEU A 280 -6.25 24.15 10.27
N ILE A 281 -6.17 23.03 10.95
CA ILE A 281 -7.18 21.99 10.84
C ILE A 281 -8.45 22.44 11.56
N GLN A 282 -8.28 23.06 12.73
CA GLN A 282 -9.42 23.62 13.47
C GLN A 282 -10.14 24.65 12.62
N ALA A 283 -9.38 25.56 12.04
CA ALA A 283 -9.90 26.64 11.22
C ALA A 283 -10.56 26.15 9.94
N THR A 284 -9.99 25.11 9.34
CA THR A 284 -10.53 24.49 8.13
C THR A 284 -11.83 23.80 8.45
N ALA A 285 -11.88 23.15 9.61
CA ALA A 285 -13.08 22.48 10.06
C ALA A 285 -14.21 23.47 10.28
N HIS A 286 -13.86 24.66 10.78
CA HIS A 286 -14.86 25.69 11.07
C HIS A 286 -15.42 26.25 9.77
N TRP A 287 -14.54 26.59 8.83
CA TRP A 287 -14.93 27.02 7.49
C TRP A 287 -15.90 26.02 6.88
N LEU A 288 -15.50 24.76 6.79
CA LEU A 288 -16.34 23.72 6.19
C LEU A 288 -17.75 23.67 6.78
N LEU A 289 -17.86 23.47 8.10
CA LEU A 289 -19.17 23.29 8.73
C LEU A 289 -20.02 24.56 8.73
N THR A 290 -19.37 25.72 8.76
CA THR A 290 -20.05 27.01 8.85
C THR A 290 -20.52 27.50 7.49
N GLU A 291 -19.60 27.57 6.53
CA GLU A 291 -19.86 28.10 5.18
C GLU A 291 -20.30 27.03 4.19
N ARG A 292 -20.18 25.76 4.58
CA ARG A 292 -20.57 24.60 3.77
C ARG A 292 -20.25 24.72 2.28
N PRO A 293 -18.98 24.91 1.94
CA PRO A 293 -18.58 25.22 0.56
C PRO A 293 -18.57 24.04 -0.43
N PHE A 294 -18.82 22.83 0.04
CA PHE A 294 -18.76 21.63 -0.81
C PHE A 294 -20.03 20.82 -0.65
N LYS A 295 -20.42 20.13 -1.70
CA LYS A 295 -21.47 19.13 -1.59
C LYS A 295 -20.81 17.80 -1.97
N PRO A 296 -20.31 17.09 -0.97
CA PRO A 296 -19.41 15.94 -1.19
C PRO A 296 -20.03 14.72 -1.88
N GLN A 297 -19.27 14.13 -2.78
CA GLN A 297 -19.70 13.03 -3.64
C GLN A 297 -18.59 11.97 -3.66
N GLU A 298 -18.94 10.73 -4.01
CA GLU A 298 -17.98 9.63 -4.01
C GLU A 298 -16.92 9.81 -5.11
N GLN A 299 -17.25 10.52 -6.18
CA GLN A 299 -16.33 10.66 -7.30
C GLN A 299 -15.23 11.69 -7.02
N ASP A 300 -15.41 12.49 -5.97
CA ASP A 300 -14.39 13.44 -5.49
C ASP A 300 -13.09 12.71 -5.13
N TYR A 301 -13.25 11.59 -4.42
CA TYR A 301 -12.13 10.77 -3.96
C TYR A 301 -11.34 10.05 -5.09
N LEU A 302 -11.76 10.19 -6.35
CA LEU A 302 -11.22 9.34 -7.41
C LEU A 302 -9.70 9.40 -7.53
N LEU A 303 -9.15 10.59 -7.36
CA LEU A 303 -7.72 10.80 -7.54
C LEU A 303 -7.03 11.02 -6.19
N TYR A 304 -7.78 10.83 -5.11
CA TYR A 304 -7.26 10.94 -3.76
C TYR A 304 -5.83 10.41 -3.61
N LYS A 305 -5.59 9.18 -4.08
CA LYS A 305 -4.30 8.53 -3.88
C LYS A 305 -3.20 9.13 -4.76
N PHE A 306 -3.58 9.59 -5.95
CA PHE A 306 -2.62 10.24 -6.85
C PHE A 306 -2.15 11.61 -6.32
N ASN A 307 -3.07 12.40 -5.79
CA ASN A 307 -2.76 13.67 -5.16
C ASN A 307 -1.98 13.52 -3.86
N ARG A 308 -2.30 12.48 -3.10
CA ARG A 308 -1.66 12.22 -1.82
C ARG A 308 -0.22 11.78 -2.02
N PHE A 309 0.04 11.10 -3.13
CA PHE A 309 1.39 10.68 -3.48
C PHE A 309 2.24 11.88 -3.91
N GLN A 310 1.64 12.73 -4.73
CA GLN A 310 2.27 13.96 -5.18
C GLN A 310 2.79 14.79 -3.99
N ALA A 311 2.01 14.88 -2.91
CA ALA A 311 2.40 15.63 -1.73
C ALA A 311 3.47 14.92 -0.90
N CYS A 312 3.53 13.59 -0.99
CA CYS A 312 4.55 12.82 -0.30
C CYS A 312 5.90 12.86 -1.02
N ARG A 313 5.86 12.63 -2.34
CA ARG A 313 7.07 12.58 -3.18
C ARG A 313 7.74 13.95 -3.24
N TYR A 314 7.08 14.89 -3.91
CA TYR A 314 7.49 16.29 -3.90
C TYR A 314 6.85 16.85 -2.64
N GLY A 315 6.63 18.14 -2.55
CA GLY A 315 6.01 18.66 -1.35
C GLY A 315 4.91 19.60 -1.73
N LEU A 316 5.17 20.88 -1.52
CA LEU A 316 4.34 21.94 -2.03
C LEU A 316 4.56 22.08 -3.53
N GLU A 317 5.57 21.37 -4.03
CA GLU A 317 5.84 21.24 -5.47
C GLU A 317 4.88 20.26 -6.15
N GLY A 318 4.39 19.28 -5.40
CA GLY A 318 3.45 18.31 -5.92
C GLY A 318 2.29 18.93 -6.67
N VAL A 319 1.82 18.24 -7.71
CA VAL A 319 0.75 18.74 -8.56
C VAL A 319 -0.62 18.09 -8.23
N LEU A 320 -1.60 18.94 -7.93
CA LEU A 320 -2.96 18.51 -7.66
C LEU A 320 -3.74 18.37 -8.96
N THR A 321 -4.51 17.28 -9.08
CA THR A 321 -5.36 17.07 -10.23
C THR A 321 -6.81 16.99 -9.78
N ASP A 322 -7.66 17.85 -10.34
CA ASP A 322 -9.10 17.82 -10.10
C ASP A 322 -9.75 16.60 -10.78
N ALA A 323 -10.60 15.90 -10.03
CA ALA A 323 -11.24 14.69 -10.52
C ALA A 323 -12.09 14.93 -11.76
N TYR A 324 -12.91 15.98 -11.73
CA TYR A 324 -13.91 16.20 -12.78
C TYR A 324 -13.42 16.87 -14.07
N THR A 325 -12.62 17.92 -13.97
CA THR A 325 -12.22 18.68 -15.15
C THR A 325 -10.82 18.33 -15.64
N GLY A 326 -9.90 18.04 -14.72
CA GLY A 326 -8.53 17.71 -15.09
C GLY A 326 -7.60 18.89 -14.88
N ASP A 327 -8.17 20.05 -14.52
CA ASP A 327 -7.39 21.24 -14.21
C ASP A 327 -6.42 20.89 -13.11
N ARG A 328 -5.18 21.37 -13.22
CA ARG A 328 -4.16 21.06 -12.23
C ARG A 328 -3.57 22.31 -11.58
N ARG A 329 -3.56 22.35 -10.25
CA ARG A 329 -3.02 23.46 -9.49
C ARG A 329 -1.83 22.99 -8.67
N ARG A 330 -0.76 23.78 -8.64
CA ARG A 330 0.42 23.51 -7.83
C ARG A 330 -0.01 23.51 -6.36
N LEU A 331 0.52 22.58 -5.58
CA LEU A 331 0.12 22.42 -4.18
C LEU A 331 0.28 23.71 -3.39
N ALA A 332 1.36 24.44 -3.63
CA ALA A 332 1.63 25.68 -2.91
C ALA A 332 0.59 26.77 -3.20
N ASP A 333 0.23 26.94 -4.47
CA ASP A 333 -0.77 27.94 -4.84
C ASP A 333 -2.09 27.61 -4.16
N ASP A 334 -2.41 26.32 -4.10
CA ASP A 334 -3.70 25.85 -3.59
C ASP A 334 -3.79 25.88 -2.05
N THR A 335 -2.66 25.83 -1.34
CA THR A 335 -2.73 26.03 0.13
C THR A 335 -2.81 27.52 0.49
N LEU A 336 -2.31 28.41 -0.37
CA LEU A 336 -2.53 29.86 -0.17
C LEU A 336 -4.02 30.15 -0.29
N ARG A 337 -4.66 29.53 -1.28
CA ARG A 337 -6.10 29.64 -1.47
C ARG A 337 -6.83 29.14 -0.21
N LEU A 338 -6.34 28.05 0.39
CA LEU A 338 -6.96 27.46 1.59
C LEU A 338 -6.77 28.35 2.82
N LEU A 339 -5.58 28.89 3.00
CA LEU A 339 -5.29 29.76 4.12
C LEU A 339 -6.10 31.07 4.04
N ASP A 340 -6.34 31.55 2.83
CA ASP A 340 -7.17 32.72 2.60
C ASP A 340 -8.59 32.36 3.00
N ASN A 341 -9.07 31.23 2.49
CA ASN A 341 -10.44 30.80 2.71
C ASN A 341 -10.79 30.60 4.18
N VAL A 342 -9.81 30.23 5.00
CA VAL A 342 -10.08 29.92 6.41
C VAL A 342 -9.64 31.02 7.38
N THR A 343 -9.14 32.14 6.83
CA THR A 343 -8.71 33.26 7.65
C THR A 343 -9.82 33.82 8.55
N PRO A 344 -11.00 34.10 8.00
CA PRO A 344 -12.12 34.55 8.84
C PRO A 344 -12.42 33.60 10.00
N SER A 345 -12.46 32.30 9.72
CA SER A 345 -12.67 31.28 10.75
C SER A 345 -11.57 31.27 11.81
N ALA A 346 -10.33 31.44 11.37
CA ALA A 346 -9.19 31.41 12.29
C ALA A 346 -9.24 32.59 13.27
N ARG A 347 -9.79 33.72 12.82
CA ARG A 347 -9.89 34.92 13.66
C ARG A 347 -10.92 34.72 14.78
N LYS A 348 -12.05 34.14 14.42
CA LYS A 348 -13.10 33.84 15.37
C LYS A 348 -12.64 32.85 16.45
N LEU A 349 -11.69 31.99 16.13
CA LEU A 349 -11.28 30.91 17.03
C LEU A 349 -10.00 31.19 17.80
N GLY A 350 -9.26 32.21 17.41
CA GLY A 350 -8.04 32.59 18.09
C GLY A 350 -6.83 31.83 17.57
N ALA A 351 -6.81 31.62 16.27
CA ALA A 351 -5.77 30.82 15.60
C ALA A 351 -5.18 31.53 14.38
N ASP A 352 -5.18 32.86 14.41
CA ASP A 352 -4.65 33.69 13.32
C ASP A 352 -3.13 33.62 13.28
N SER A 353 -2.53 33.49 14.47
CA SER A 353 -1.09 33.31 14.61
C SER A 353 -0.64 32.12 13.77
N ALA A 354 -1.37 31.03 13.87
CA ALA A 354 -1.02 29.78 13.22
C ALA A 354 -1.06 29.87 11.69
N ILE A 355 -2.09 30.49 11.13
CA ILE A 355 -2.17 30.55 9.68
C ILE A 355 -1.37 31.74 9.14
N ASP A 356 -0.90 32.62 10.02
CA ASP A 356 0.05 33.65 9.65
C ASP A 356 1.41 32.99 9.39
N ALA A 357 1.79 32.07 10.27
CA ALA A 357 3.07 31.36 10.19
C ALA A 357 3.15 30.40 9.02
N LEU A 358 2.01 29.76 8.73
CA LEU A 358 1.93 28.85 7.59
C LEU A 358 2.04 29.60 6.27
N ARG A 359 1.43 30.77 6.19
CA ARG A 359 1.55 31.58 4.98
C ARG A 359 3.00 32.00 4.72
N LEU A 360 3.73 32.35 5.79
CA LEU A 360 5.16 32.62 5.72
C LEU A 360 5.90 31.42 5.13
N GLN A 361 5.63 30.24 5.70
CA GLN A 361 6.29 28.99 5.31
C GLN A 361 6.14 28.66 3.82
N VAL A 362 4.99 28.98 3.25
CA VAL A 362 4.70 28.62 1.87
C VAL A 362 5.29 29.64 0.88
N LYS A 363 5.19 30.92 1.23
CA LYS A 363 5.48 32.01 0.28
C LYS A 363 6.97 32.14 -0.02
N LYS A 364 7.81 31.90 0.98
CA LYS A 364 9.25 31.78 0.77
C LYS A 364 9.86 30.81 1.78
N GLY A 365 10.12 29.59 1.31
CA GLY A 365 10.65 28.54 2.14
C GLY A 365 10.01 27.20 1.80
N GLY A 366 9.96 26.30 2.78
CA GLY A 366 9.37 24.98 2.59
C GLY A 366 9.11 24.21 3.88
N ASN A 367 8.83 22.90 3.73
CA ASN A 367 8.58 22.03 4.87
C ASN A 367 9.87 21.68 5.61
N GLU A 368 9.74 21.02 6.75
CA GLU A 368 10.89 20.70 7.60
C GLU A 368 11.78 19.60 7.02
N ALA A 369 11.33 18.95 5.96
CA ALA A 369 12.12 17.93 5.27
C ALA A 369 13.08 18.59 4.31
N GLN A 370 12.63 19.68 3.68
CA GLN A 370 13.47 20.48 2.80
C GLN A 370 14.72 20.98 3.53
N TYR A 371 14.52 21.43 4.77
CA TYR A 371 15.58 22.04 5.58
C TYR A 371 16.53 21.00 6.17
N MET A 372 16.03 19.80 6.40
CA MET A 372 16.87 18.67 6.77
C MET A 372 17.87 18.36 5.66
N ARG A 373 17.47 18.58 4.41
CA ARG A 373 18.28 18.21 3.26
C ARG A 373 19.32 19.29 2.94
N GLU A 374 19.00 20.55 3.24
CA GLU A 374 19.97 21.65 3.14
C GLU A 374 21.08 21.48 4.17
N PHE A 375 20.72 20.98 5.35
CA PHE A 375 21.69 20.70 6.40
C PHE A 375 22.72 19.68 5.95
N ILE A 376 22.29 18.70 5.15
CA ILE A 376 23.17 17.63 4.71
C ILE A 376 24.07 18.08 3.55
N ALA A 377 23.55 18.97 2.70
CA ALA A 377 24.32 19.56 1.60
C ALA A 377 25.40 20.52 2.11
N ASP A 378 25.35 20.87 3.39
CA ASP A 378 26.39 21.68 4.06
C ASP A 378 27.43 20.79 4.72
N GLY A 379 27.60 19.56 4.22
CA GLY A 379 28.59 18.64 4.77
C GLY A 379 28.29 18.07 6.15
N GLY A 380 27.05 18.16 6.61
CA GLY A 380 26.67 17.61 7.90
C GLY A 380 26.39 16.12 7.82
N SER A 381 26.57 15.41 8.93
CA SER A 381 26.27 13.98 8.98
C SER A 381 24.86 13.73 9.51
N LEU A 382 24.42 12.48 9.45
CA LEU A 382 23.10 12.09 9.97
C LEU A 382 23.11 12.00 11.50
N ILE A 383 24.26 11.64 12.08
CA ILE A 383 24.44 11.64 13.53
C ILE A 383 24.31 13.06 14.11
N GLY A 384 24.71 14.06 13.34
CA GLY A 384 24.64 15.45 13.75
C GLY A 384 23.30 16.08 13.48
N LEU A 385 22.60 15.58 12.46
CA LEU A 385 21.24 16.02 12.16
C LEU A 385 20.29 15.73 13.32
N VAL A 386 20.26 14.48 13.77
CA VAL A 386 19.40 14.08 14.89
C VAL A 386 19.73 14.86 16.15
N GLN A 387 21.01 15.15 16.37
CA GLN A 387 21.44 15.90 17.56
C GLN A 387 20.90 17.35 17.54
N LYS A 388 20.89 17.94 16.35
CA LYS A 388 20.40 19.30 16.14
C LYS A 388 18.87 19.34 16.30
N HIS A 389 18.20 18.21 16.06
CA HIS A 389 16.75 18.09 16.27
C HIS A 389 16.41 17.97 17.77
N CYS A 390 17.24 17.27 18.52
CA CYS A 390 17.05 17.12 19.97
C CYS A 390 17.11 18.48 20.63
N GLU A 391 18.04 19.31 20.18
CA GLU A 391 18.23 20.67 20.69
C GLU A 391 17.11 21.61 20.24
N ILE A 392 16.77 21.57 18.94
CA ILE A 392 15.73 22.43 18.36
C ILE A 392 14.41 22.35 19.13
N TRP A 393 14.05 21.15 19.59
CA TRP A 393 12.92 20.92 20.49
C TRP A 393 13.27 21.57 21.86
N ALA A 394 13.23 22.91 21.90
CA ALA A 394 13.77 23.73 23.00
C ALA A 394 14.78 24.73 22.43
N ASP B 29 -10.69 1.09 -29.01
CA ASP B 29 -11.94 0.30 -28.80
C ASP B 29 -11.61 -1.12 -28.37
N PHE B 30 -12.63 -1.90 -27.99
CA PHE B 30 -12.43 -3.27 -27.52
C PHE B 30 -12.40 -4.30 -28.66
N HIS B 31 -11.21 -4.68 -29.10
CA HIS B 31 -11.04 -5.66 -30.17
C HIS B 31 -11.87 -6.91 -29.89
N VAL B 32 -12.63 -7.37 -30.89
CA VAL B 32 -13.45 -8.56 -30.74
C VAL B 32 -12.56 -9.81 -30.71
N SER B 33 -12.78 -10.67 -29.72
CA SER B 33 -11.95 -11.85 -29.53
C SER B 33 -12.80 -13.09 -29.59
N GLU B 34 -12.19 -14.21 -29.95
CA GLU B 34 -12.84 -15.50 -29.80
C GLU B 34 -12.94 -15.73 -28.30
N PRO B 35 -14.14 -15.89 -27.76
CA PRO B 35 -14.32 -16.17 -26.32
C PRO B 35 -13.45 -17.31 -25.76
N TYR B 36 -12.83 -17.07 -24.61
CA TYR B 36 -12.07 -18.08 -23.86
C TYR B 36 -10.73 -18.42 -24.48
N THR B 37 -10.22 -17.54 -25.34
CA THR B 37 -8.83 -17.64 -25.79
C THR B 37 -7.94 -17.36 -24.58
N LEU B 38 -6.65 -17.62 -24.71
CA LEU B 38 -5.76 -17.67 -23.57
C LEU B 38 -4.38 -17.10 -23.89
N GLY B 39 -3.90 -16.21 -23.04
CA GLY B 39 -2.54 -15.70 -23.11
C GLY B 39 -1.83 -15.93 -21.79
N ILE B 40 -0.57 -16.34 -21.86
CA ILE B 40 0.25 -16.51 -20.66
C ILE B 40 1.55 -15.76 -20.75
N GLU B 41 1.77 -14.85 -19.79
CA GLU B 41 3.05 -14.17 -19.61
C GLU B 41 3.74 -14.76 -18.38
N LEU B 42 5.05 -15.00 -18.48
CA LEU B 42 5.82 -15.56 -17.38
C LEU B 42 7.13 -14.79 -17.23
N GLU B 43 7.28 -14.08 -16.13
CA GLU B 43 8.54 -13.41 -15.81
C GLU B 43 9.43 -14.40 -15.07
N MET B 44 10.57 -14.72 -15.67
CA MET B 44 11.47 -15.72 -15.14
C MET B 44 12.72 -15.07 -14.58
N GLN B 45 13.29 -15.68 -13.53
CA GLN B 45 14.53 -15.19 -12.91
C GLN B 45 15.76 -15.72 -13.65
N VAL B 46 16.69 -14.83 -13.99
CA VAL B 46 17.98 -15.26 -14.58
C VAL B 46 19.10 -15.24 -13.54
N ILE B 47 19.76 -16.39 -13.41
CA ILE B 47 20.66 -16.67 -12.28
C ILE B 47 22.11 -16.83 -12.70
N ASN B 48 23.01 -16.51 -11.78
CA ASN B 48 24.48 -16.58 -11.95
C ASN B 48 25.08 -17.79 -11.20
N PRO B 49 25.21 -18.91 -11.91
CA PRO B 49 25.50 -20.25 -11.34
C PRO B 49 26.55 -20.52 -10.25
N PRO B 50 27.61 -19.74 -10.06
CA PRO B 50 28.47 -19.98 -8.89
C PRO B 50 27.70 -19.77 -7.58
N GLY B 51 27.40 -18.51 -7.33
CA GLY B 51 26.79 -18.03 -6.09
C GLY B 51 25.28 -17.87 -6.13
N TYR B 52 24.69 -18.00 -7.32
CA TYR B 52 23.23 -18.05 -7.51
C TYR B 52 22.44 -16.77 -7.20
N ASP B 53 23.13 -15.63 -7.16
CA ASP B 53 22.47 -14.33 -7.15
C ASP B 53 21.75 -14.15 -8.49
N LEU B 54 21.07 -13.02 -8.66
CA LEU B 54 20.47 -12.69 -9.96
C LEU B 54 21.56 -12.13 -10.86
N SER B 55 21.56 -12.56 -12.12
CA SER B 55 22.49 -12.01 -13.10
C SER B 55 22.01 -10.64 -13.55
N GLN B 56 22.95 -9.77 -13.94
CA GLN B 56 22.59 -8.46 -14.51
C GLN B 56 22.55 -8.52 -16.05
N ASP B 57 23.14 -9.57 -16.63
CA ASP B 57 23.29 -9.66 -18.10
C ASP B 57 22.44 -10.76 -18.74
N SER B 58 21.14 -10.48 -18.90
CA SER B 58 20.18 -11.45 -19.42
C SER B 58 19.64 -11.10 -20.80
N SER B 59 20.15 -10.03 -21.41
CA SER B 59 19.68 -9.60 -22.72
C SER B 59 20.55 -10.16 -23.85
N THR B 60 21.74 -10.62 -23.48
CA THR B 60 22.60 -11.34 -24.41
C THR B 60 22.10 -12.79 -24.53
N LEU B 61 21.40 -13.24 -23.50
CA LEU B 61 20.72 -14.53 -23.52
C LEU B 61 19.51 -14.46 -24.43
N ILE B 62 18.74 -13.37 -24.34
CA ILE B 62 17.53 -13.19 -25.12
C ILE B 62 17.83 -13.10 -26.60
N ASP B 63 18.93 -12.43 -26.93
CA ASP B 63 19.26 -12.16 -28.33
C ASP B 63 19.83 -13.42 -29.01
N ALA B 64 20.29 -14.38 -28.21
CA ALA B 64 20.66 -15.68 -28.74
C ALA B 64 19.43 -16.54 -29.05
N VAL B 65 18.31 -16.29 -28.37
CA VAL B 65 17.11 -17.14 -28.41
C VAL B 65 16.03 -16.73 -29.42
N LYS B 66 15.87 -15.43 -29.63
CA LYS B 66 14.76 -14.87 -30.43
C LYS B 66 14.56 -15.53 -31.81
N PRO B 67 15.64 -15.66 -32.59
CA PRO B 67 15.52 -16.18 -33.96
C PRO B 67 14.95 -17.60 -34.08
N GLN B 68 15.23 -18.47 -33.10
CA GLN B 68 14.86 -19.89 -33.20
C GLN B 68 13.43 -20.18 -32.75
N LEU B 69 12.57 -19.18 -32.73
CA LEU B 69 11.21 -19.35 -32.25
C LEU B 69 10.23 -19.60 -33.39
N THR B 70 9.35 -20.58 -33.21
CA THR B 70 8.31 -20.89 -34.19
C THR B 70 6.94 -20.41 -33.68
N ALA B 71 6.84 -20.13 -32.36
CA ALA B 71 5.60 -19.61 -31.78
C ALA B 71 5.88 -18.88 -30.45
N GLY B 72 5.53 -17.58 -30.36
CA GLY B 72 5.65 -16.79 -29.11
C GLY B 72 6.82 -15.81 -29.07
N GLU B 73 6.84 -14.90 -28.09
CA GLU B 73 7.94 -13.91 -27.95
C GLU B 73 8.72 -14.02 -26.62
N ILE B 74 9.94 -13.48 -26.61
CA ILE B 74 10.73 -13.30 -25.39
C ILE B 74 11.28 -11.88 -25.33
N LYS B 75 11.17 -11.24 -24.18
CA LYS B 75 11.61 -9.86 -24.02
C LYS B 75 12.52 -9.65 -22.80
N HIS B 76 13.19 -8.50 -22.77
CA HIS B 76 13.91 -8.01 -21.59
C HIS B 76 12.96 -7.08 -20.82
N ASP B 77 13.31 -6.76 -19.57
CA ASP B 77 12.63 -5.67 -18.85
C ASP B 77 13.69 -4.65 -18.41
N ILE B 78 13.44 -3.80 -17.39
CA ILE B 78 14.38 -2.69 -17.12
C ILE B 78 15.73 -3.14 -16.54
N THR B 79 15.65 -4.08 -15.60
CA THR B 79 16.84 -4.73 -15.08
C THR B 79 16.97 -5.92 -15.99
N GLU B 80 18.16 -6.46 -16.14
CA GLU B 80 18.33 -7.61 -17.00
C GLU B 80 18.64 -8.84 -16.15
N SER B 81 17.77 -9.04 -15.16
CA SER B 81 17.77 -10.23 -14.32
C SER B 81 16.47 -10.98 -14.57
N MET B 82 15.69 -10.51 -15.53
CA MET B 82 14.38 -11.06 -15.84
C MET B 82 14.25 -11.42 -17.32
N LEU B 83 13.52 -12.50 -17.56
CA LEU B 83 13.27 -13.02 -18.90
C LEU B 83 11.76 -13.25 -19.07
N GLU B 84 11.11 -12.31 -19.75
CA GLU B 84 9.68 -12.39 -20.05
C GLU B 84 9.44 -13.37 -21.18
N MET B 85 8.66 -14.41 -20.95
CA MET B 85 8.23 -15.27 -22.04
C MET B 85 6.71 -15.31 -22.13
N ALA B 86 6.21 -15.09 -23.33
CA ALA B 86 4.78 -14.99 -23.53
C ALA B 86 4.34 -15.89 -24.68
N THR B 87 3.29 -16.67 -24.45
CA THR B 87 2.60 -17.35 -25.53
C THR B 87 1.92 -16.31 -26.42
N GLY B 88 1.51 -16.71 -27.61
CA GLY B 88 0.63 -15.90 -28.44
C GLY B 88 -0.80 -16.17 -28.02
N VAL B 89 -1.74 -15.85 -28.89
CA VAL B 89 -3.15 -16.17 -28.64
C VAL B 89 -3.36 -17.68 -28.84
N CYS B 90 -3.68 -18.39 -27.76
CA CYS B 90 -3.88 -19.83 -27.78
C CYS B 90 -5.35 -20.14 -27.58
N ARG B 91 -5.75 -21.40 -27.77
CA ARG B 91 -7.16 -21.81 -27.73
C ARG B 91 -7.49 -22.81 -26.62
N ASP B 92 -6.48 -23.46 -26.06
CA ASP B 92 -6.65 -24.29 -24.87
C ASP B 92 -5.30 -24.47 -24.13
N ILE B 93 -5.31 -25.15 -22.99
CA ILE B 93 -4.07 -25.30 -22.21
C ILE B 93 -3.07 -26.26 -22.87
N ASP B 94 -3.53 -27.09 -23.80
CA ASP B 94 -2.64 -27.94 -24.59
C ASP B 94 -1.83 -27.11 -25.59
N GLN B 95 -2.47 -26.17 -26.28
CA GLN B 95 -1.72 -25.28 -27.18
C GLN B 95 -0.74 -24.44 -26.37
N ALA B 96 -1.20 -23.89 -25.23
CA ALA B 96 -0.34 -23.10 -24.37
C ALA B 96 0.84 -23.92 -23.84
N ALA B 97 0.58 -25.14 -23.38
CA ALA B 97 1.65 -26.01 -22.88
C ALA B 97 2.73 -26.22 -23.94
N ALA B 98 2.29 -26.50 -25.17
CA ALA B 98 3.16 -26.77 -26.32
C ALA B 98 4.13 -25.64 -26.66
N GLN B 99 3.63 -24.42 -26.73
CA GLN B 99 4.49 -23.26 -27.00
C GLN B 99 5.46 -23.00 -25.85
N LEU B 100 5.00 -23.16 -24.61
CA LEU B 100 5.85 -22.96 -23.44
C LEU B 100 6.93 -24.05 -23.34
N SER B 101 6.62 -25.27 -23.73
CA SER B 101 7.63 -26.33 -23.86
C SER B 101 8.65 -25.98 -24.93
N ALA B 102 8.20 -25.42 -26.04
CA ALA B 102 9.05 -25.09 -27.19
C ALA B 102 9.99 -23.91 -26.91
N MET B 103 9.46 -22.87 -26.28
CA MET B 103 10.29 -21.76 -25.82
C MET B 103 11.33 -22.24 -24.80
N GLN B 104 10.94 -23.16 -23.93
CA GLN B 104 11.77 -23.61 -22.81
C GLN B 104 12.95 -24.49 -23.24
N HIS B 105 12.71 -25.41 -24.18
CA HIS B 105 13.79 -26.22 -24.74
C HIS B 105 14.91 -25.31 -25.29
N VAL B 106 14.51 -24.21 -25.91
CA VAL B 106 15.45 -23.30 -26.56
C VAL B 106 16.19 -22.39 -25.55
N ILE B 107 15.54 -22.02 -24.44
CA ILE B 107 16.18 -21.19 -23.41
C ILE B 107 17.06 -22.01 -22.48
N LEU B 108 16.71 -23.27 -22.24
CA LEU B 108 17.55 -24.16 -21.44
C LEU B 108 18.86 -24.47 -22.16
N GLN B 109 18.84 -24.42 -23.49
CA GLN B 109 20.05 -24.67 -24.28
C GLN B 109 20.89 -23.39 -24.43
N ALA B 110 20.24 -22.24 -24.54
CA ALA B 110 20.95 -20.97 -24.68
C ALA B 110 21.59 -20.50 -23.38
N ALA B 111 21.10 -21.04 -22.26
CA ALA B 111 21.60 -20.68 -20.94
C ALA B 111 22.65 -21.69 -20.46
N SER B 112 22.48 -22.94 -20.87
CA SER B 112 23.46 -23.97 -20.56
C SER B 112 24.81 -23.59 -21.15
N GLU B 113 24.83 -23.31 -22.44
CA GLU B 113 26.08 -23.02 -23.14
C GLU B 113 26.62 -21.62 -22.85
N HIS B 114 25.88 -20.88 -22.02
CA HIS B 114 26.19 -19.48 -21.75
C HIS B 114 26.43 -19.17 -20.27
N HIS B 115 26.57 -20.22 -19.46
CA HIS B 115 26.96 -19.98 -18.08
C HIS B 115 25.86 -19.32 -17.25
N LEU B 116 24.58 -19.71 -17.42
CA LEU B 116 23.50 -19.13 -16.61
C LEU B 116 22.40 -20.18 -16.42
N GLY B 117 21.56 -19.97 -15.40
CA GLY B 117 20.47 -20.86 -15.09
C GLY B 117 19.16 -20.10 -14.95
N ILE B 118 18.06 -20.84 -14.97
CA ILE B 118 16.72 -20.23 -15.01
C ILE B 118 15.81 -20.85 -13.97
N CYS B 119 15.06 -20.03 -13.26
CA CYS B 119 14.08 -20.52 -12.29
C CYS B 119 12.91 -19.56 -12.08
N GLY B 120 11.88 -20.06 -11.40
CA GLY B 120 10.72 -19.28 -11.04
C GLY B 120 10.70 -18.91 -9.57
N GLY B 121 9.53 -18.52 -9.07
CA GLY B 121 9.38 -17.94 -7.75
C GLY B 121 9.15 -16.46 -7.91
N GLY B 122 8.37 -15.86 -7.02
CA GLY B 122 7.95 -14.47 -7.18
C GLY B 122 8.94 -13.47 -6.66
N THR B 123 9.96 -14.00 -6.01
CA THR B 123 10.97 -13.21 -5.36
C THR B 123 12.26 -14.03 -5.35
N HIS B 124 13.41 -13.36 -5.36
CA HIS B 124 14.68 -14.05 -5.15
C HIS B 124 14.93 -14.10 -3.65
N PRO B 125 15.25 -15.28 -3.10
CA PRO B 125 15.36 -15.47 -1.66
C PRO B 125 16.35 -14.55 -0.93
N PHE B 126 17.39 -14.07 -1.60
CA PHE B 126 18.36 -13.21 -0.93
C PHE B 126 18.96 -12.05 -1.73
N GLN B 127 18.57 -11.86 -2.99
CA GLN B 127 19.15 -10.75 -3.75
C GLN B 127 18.92 -9.42 -3.05
N LYS B 128 19.98 -8.61 -3.00
CA LYS B 128 19.89 -7.21 -2.60
C LYS B 128 20.30 -6.30 -3.75
N TRP B 129 19.87 -5.05 -3.70
CA TRP B 129 20.48 -3.98 -4.50
C TRP B 129 20.20 -2.65 -3.82
N ARG B 142 15.78 8.22 -14.50
CA ARG B 142 14.59 8.77 -15.14
C ARG B 142 13.30 8.48 -14.35
N THR B 143 13.02 7.20 -14.09
CA THR B 143 11.83 6.85 -13.29
C THR B 143 12.09 6.75 -11.78
N LEU B 144 13.36 6.71 -11.38
CA LEU B 144 13.73 6.81 -9.95
C LEU B 144 13.62 8.25 -9.45
N GLU B 145 13.26 9.17 -10.34
CA GLU B 145 12.86 10.49 -9.91
C GLU B 145 11.46 10.37 -9.34
N ASN B 146 10.55 9.77 -10.12
CA ASN B 146 9.16 9.65 -9.74
C ASN B 146 8.85 8.80 -8.49
N PHE B 147 9.61 7.72 -8.28
CA PHE B 147 9.28 6.76 -7.22
C PHE B 147 10.40 6.48 -6.23
N GLY B 148 11.58 7.03 -6.49
CA GLY B 148 12.70 6.96 -5.57
C GLY B 148 13.13 5.56 -5.14
N TYR B 149 13.30 5.39 -3.83
CA TYR B 149 13.71 4.12 -3.23
C TYR B 149 12.69 2.98 -3.43
N LEU B 150 11.49 3.32 -3.93
CA LEU B 150 10.40 2.35 -4.09
C LEU B 150 10.62 1.37 -5.25
N ILE B 151 11.26 1.82 -6.33
CA ILE B 151 11.67 0.92 -7.41
C ILE B 151 13.11 0.43 -7.23
N GLN B 152 13.84 1.02 -6.28
CA GLN B 152 15.17 0.53 -5.90
C GLN B 152 15.01 -0.58 -4.87
N GLN B 153 14.23 -1.59 -5.21
CA GLN B 153 13.85 -2.66 -4.30
C GLN B 153 14.29 -4.00 -4.85
N ALA B 154 13.83 -5.07 -4.21
CA ALA B 154 13.82 -6.39 -4.83
C ALA B 154 13.09 -6.31 -6.18
N THR B 155 13.67 -6.89 -7.21
CA THR B 155 12.97 -6.99 -8.48
C THR B 155 12.13 -8.27 -8.42
N VAL B 156 10.86 -8.19 -8.82
CA VAL B 156 9.92 -9.28 -8.59
C VAL B 156 9.34 -9.89 -9.89
N PHE B 157 8.89 -11.13 -9.77
CA PHE B 157 8.57 -11.99 -10.91
C PHE B 157 7.15 -12.53 -10.84
N GLY B 158 6.34 -12.23 -11.85
CA GLY B 158 4.94 -12.62 -11.88
C GLY B 158 4.46 -13.32 -13.15
N GLN B 159 3.43 -14.16 -12.98
CA GLN B 159 2.69 -14.76 -14.10
C GLN B 159 1.39 -13.98 -14.33
N HIS B 160 1.18 -13.55 -15.57
CA HIS B 160 -0.08 -12.93 -15.97
C HIS B 160 -0.85 -13.86 -16.91
N VAL B 161 -2.18 -13.83 -16.82
CA VAL B 161 -3.03 -14.61 -17.73
C VAL B 161 -4.14 -13.74 -18.34
N HIS B 162 -4.12 -13.62 -19.67
CA HIS B 162 -5.18 -12.95 -20.42
C HIS B 162 -6.31 -13.94 -20.77
N VAL B 163 -7.56 -13.49 -20.68
CA VAL B 163 -8.69 -14.26 -21.18
C VAL B 163 -9.53 -13.38 -22.12
N GLY B 164 -9.85 -13.91 -23.30
CA GLY B 164 -10.48 -13.14 -24.36
C GLY B 164 -11.99 -13.02 -24.22
N CYS B 165 -12.52 -11.86 -24.57
CA CYS B 165 -13.95 -11.60 -24.52
C CYS B 165 -14.47 -11.13 -25.87
N ALA B 166 -15.76 -11.33 -26.13
CA ALA B 166 -16.39 -10.84 -27.37
C ALA B 166 -16.58 -9.34 -27.27
N ASN B 167 -17.56 -8.90 -26.51
CA ASN B 167 -17.74 -7.47 -26.29
C ASN B 167 -16.94 -7.03 -25.07
N GLY B 168 -16.86 -5.72 -24.85
CA GLY B 168 -16.13 -5.16 -23.74
C GLY B 168 -17.00 -4.84 -22.52
N ASP B 169 -18.24 -5.32 -22.52
CA ASP B 169 -19.08 -5.26 -21.33
C ASP B 169 -18.95 -6.59 -20.59
N ASP B 170 -18.71 -7.65 -21.37
CA ASP B 170 -18.40 -8.97 -20.82
C ASP B 170 -17.07 -8.96 -20.10
N ALA B 171 -16.16 -8.09 -20.51
CA ALA B 171 -14.89 -7.90 -19.82
C ALA B 171 -15.07 -7.30 -18.42
N ILE B 172 -15.87 -6.26 -18.30
CA ILE B 172 -16.15 -5.67 -17.01
C ILE B 172 -16.82 -6.69 -16.10
N TYR B 173 -17.77 -7.45 -16.64
CA TYR B 173 -18.46 -8.47 -15.85
C TYR B 173 -17.50 -9.60 -15.47
N LEU B 174 -16.62 -9.97 -16.39
CA LEU B 174 -15.69 -11.06 -16.14
C LEU B 174 -14.69 -10.63 -15.07
N LEU B 175 -14.30 -9.36 -15.11
CA LEU B 175 -13.34 -8.80 -14.19
C LEU B 175 -13.88 -8.81 -12.77
N HIS B 176 -15.16 -8.52 -12.63
CA HIS B 176 -15.80 -8.47 -11.32
C HIS B 176 -15.98 -9.86 -10.74
N GLY B 177 -16.14 -10.86 -11.62
CA GLY B 177 -16.24 -12.24 -11.18
C GLY B 177 -14.91 -12.84 -10.74
N LEU B 178 -13.85 -12.52 -11.47
CA LEU B 178 -12.52 -13.00 -11.13
C LEU B 178 -12.05 -12.33 -9.85
N SER B 179 -12.42 -11.07 -9.65
CA SER B 179 -12.08 -10.35 -8.42
C SER B 179 -12.51 -11.08 -7.14
N HIS B 180 -13.65 -11.77 -7.22
N HIS B 180 -13.63 -11.80 -7.19
CA HIS B 180 -14.12 -12.65 -6.13
CA HIS B 180 -14.07 -12.62 -6.06
C HIS B 180 -13.09 -13.74 -5.81
C HIS B 180 -13.08 -13.76 -5.80
N PHE B 181 -12.30 -14.13 -6.80
CA PHE B 181 -11.35 -15.24 -6.63
C PHE B 181 -9.87 -14.89 -6.74
N VAL B 182 -9.55 -13.60 -6.55
CA VAL B 182 -8.16 -13.18 -6.41
C VAL B 182 -7.50 -13.84 -5.19
N PRO B 183 -8.17 -13.86 -4.03
CA PRO B 183 -7.56 -14.48 -2.85
C PRO B 183 -7.12 -15.90 -3.17
N HIS B 184 -8.00 -16.65 -3.83
CA HIS B 184 -7.78 -18.03 -4.18
C HIS B 184 -6.58 -18.15 -5.14
N PHE B 185 -6.57 -17.36 -6.21
CA PHE B 185 -5.49 -17.38 -7.19
C PHE B 185 -4.11 -17.15 -6.53
N ILE B 186 -4.04 -16.24 -5.56
CA ILE B 186 -2.80 -15.90 -4.87
C ILE B 186 -2.38 -17.04 -3.96
N ALA B 187 -3.34 -17.58 -3.23
CA ALA B 187 -3.06 -18.63 -2.26
C ALA B 187 -2.54 -19.89 -2.94
N LEU B 188 -3.07 -20.16 -4.13
CA LEU B 188 -2.72 -21.35 -4.93
C LEU B 188 -1.34 -21.21 -5.57
N SER B 189 -0.95 -19.98 -5.87
CA SER B 189 0.24 -19.72 -6.68
C SER B 189 1.36 -19.06 -5.88
N ALA B 190 1.13 -18.84 -4.59
CA ALA B 190 2.09 -18.12 -3.73
C ALA B 190 3.46 -18.76 -3.76
N ALA B 191 4.49 -17.96 -3.99
CA ALA B 191 5.83 -18.50 -4.15
C ALA B 191 6.90 -17.46 -3.85
N SER B 192 6.73 -16.76 -2.73
CA SER B 192 7.67 -15.71 -2.33
C SER B 192 7.69 -15.44 -0.83
N PRO B 193 8.08 -16.44 -0.05
CA PRO B 193 8.21 -16.28 1.40
C PRO B 193 9.50 -15.58 1.86
N TYR B 194 10.57 -15.64 1.06
CA TYR B 194 11.85 -15.03 1.47
C TYR B 194 12.17 -13.79 0.66
N MET B 195 12.54 -12.72 1.37
CA MET B 195 13.14 -11.54 0.75
C MET B 195 14.41 -11.23 1.53
N GLN B 196 15.43 -10.74 0.81
CA GLN B 196 16.68 -10.28 1.41
C GLN B 196 17.25 -11.18 2.51
N GLY B 197 17.19 -12.49 2.30
CA GLY B 197 17.80 -13.45 3.19
C GLY B 197 16.97 -13.81 4.40
N ALA B 198 15.73 -13.31 4.44
CA ALA B 198 14.88 -13.49 5.61
C ALA B 198 13.50 -14.01 5.28
N ASP B 199 12.89 -14.65 6.28
CA ASP B 199 11.54 -15.17 6.20
C ASP B 199 10.54 -14.08 6.57
N THR B 200 9.85 -13.55 5.57
CA THR B 200 8.84 -12.52 5.72
C THR B 200 7.65 -12.95 6.58
N ARG B 201 7.46 -14.26 6.69
CA ARG B 201 6.31 -14.87 7.35
C ARG B 201 5.07 -14.92 6.45
N PHE B 202 5.18 -14.40 5.22
CA PHE B 202 4.10 -14.37 4.24
C PHE B 202 4.22 -15.56 3.29
N ALA B 203 3.10 -15.98 2.72
CA ALA B 203 3.12 -16.92 1.60
C ALA B 203 3.55 -16.18 0.34
N CYS B 204 2.95 -15.01 0.13
CA CYS B 204 3.23 -14.15 -1.02
C CYS B 204 3.59 -12.72 -0.57
N ALA B 205 4.89 -12.45 -0.50
CA ALA B 205 5.42 -11.16 -0.12
C ALA B 205 5.67 -10.29 -1.34
N ARG B 206 5.61 -10.89 -2.53
CA ARG B 206 5.89 -10.17 -3.76
C ARG B 206 4.92 -9.03 -4.03
N LEU B 207 3.65 -9.23 -3.66
CA LEU B 207 2.59 -8.24 -3.90
C LEU B 207 2.66 -7.00 -2.97
N ASN B 208 3.45 -7.08 -1.91
CA ASN B 208 3.60 -5.97 -0.98
C ASN B 208 4.43 -4.84 -1.53
N ILE B 209 5.43 -5.18 -2.34
CA ILE B 209 6.37 -4.17 -2.81
C ILE B 209 5.73 -3.19 -3.81
N PHE B 210 4.47 -3.41 -4.16
CA PHE B 210 3.78 -2.56 -5.12
C PHE B 210 2.82 -1.62 -4.40
N SER B 211 2.51 -1.93 -3.15
CA SER B 211 1.47 -1.29 -2.38
C SER B 211 1.58 0.23 -2.17
N ALA B 212 2.71 0.83 -2.54
CA ALA B 212 2.90 2.26 -2.31
C ALA B 212 2.53 3.11 -3.53
N PHE B 213 2.41 2.46 -4.68
CA PHE B 213 1.91 3.10 -5.90
C PHE B 213 0.43 3.40 -5.71
N PRO B 214 -0.02 4.58 -6.10
CA PRO B 214 -1.44 4.97 -5.92
C PRO B 214 -2.44 4.09 -6.69
N ASP B 215 -1.95 3.35 -7.67
CA ASP B 215 -2.78 2.51 -8.55
C ASP B 215 -2.74 1.00 -8.23
N ASN B 216 -2.05 0.62 -7.16
CA ASN B 216 -2.04 -0.76 -6.69
C ASN B 216 -3.44 -1.20 -6.29
N GLY B 217 -3.70 -2.50 -6.38
CA GLY B 217 -4.92 -3.07 -5.87
C GLY B 217 -5.99 -3.19 -6.93
N PRO B 218 -7.24 -3.19 -6.48
CA PRO B 218 -8.38 -3.36 -7.39
C PRO B 218 -8.70 -2.10 -8.20
N MET B 219 -9.11 -2.29 -9.44
CA MET B 219 -9.62 -1.22 -10.27
C MET B 219 -10.80 -0.59 -9.56
N PRO B 220 -10.87 0.74 -9.50
CA PRO B 220 -12.04 1.41 -8.91
C PRO B 220 -13.29 1.03 -9.68
N TRP B 221 -14.42 0.97 -8.97
CA TRP B 221 -15.68 0.48 -9.53
C TRP B 221 -16.21 1.16 -10.80
N VAL B 222 -16.63 0.34 -11.74
CA VAL B 222 -17.48 0.76 -12.85
C VAL B 222 -18.47 -0.39 -13.10
N SER B 223 -19.65 -0.10 -13.63
CA SER B 223 -20.65 -1.16 -13.88
C SER B 223 -20.66 -1.66 -15.33
N ASN B 224 -20.05 -0.91 -16.25
CA ASN B 224 -19.97 -1.30 -17.67
C ASN B 224 -18.83 -0.60 -18.43
N TRP B 225 -18.72 -0.87 -19.73
CA TRP B 225 -17.59 -0.39 -20.54
C TRP B 225 -17.59 1.11 -20.86
N GLN B 226 -18.79 1.70 -20.97
CA GLN B 226 -18.95 3.13 -21.16
C GLN B 226 -18.37 3.88 -19.93
N GLU B 227 -18.74 3.41 -18.74
CA GLU B 227 -18.20 3.97 -17.50
C GLU B 227 -16.69 3.77 -17.38
N PHE B 228 -16.18 2.67 -17.95
CA PHE B 228 -14.75 2.35 -17.87
C PHE B 228 -13.90 3.34 -18.67
N ALA B 229 -14.45 3.85 -19.76
CA ALA B 229 -13.74 4.82 -20.59
C ALA B 229 -13.74 6.19 -19.91
N GLY B 230 -14.81 6.48 -19.17
CA GLY B 230 -14.87 7.65 -18.31
C GLY B 230 -13.84 7.58 -17.20
N LEU B 231 -13.79 6.46 -16.49
CA LEU B 231 -12.79 6.22 -15.46
C LEU B 231 -11.37 6.48 -15.98
N PHE B 232 -11.05 5.96 -17.16
CA PHE B 232 -9.70 6.04 -17.72
C PHE B 232 -9.36 7.45 -18.22
N ARG B 233 -10.33 8.13 -18.80
CA ARG B 233 -10.15 9.53 -19.22
C ARG B 233 -9.76 10.38 -18.00
N ARG B 234 -10.35 10.07 -16.84
CA ARG B 234 -10.12 10.84 -15.63
C ARG B 234 -8.80 10.50 -14.96
N LEU B 235 -8.46 9.22 -14.94
CA LEU B 235 -7.21 8.79 -14.32
C LEU B 235 -6.03 9.35 -15.12
N SER B 236 -6.24 9.57 -16.41
CA SER B 236 -5.16 10.00 -17.30
C SER B 236 -4.96 11.52 -17.33
N TYR B 237 -5.85 12.26 -16.66
CA TYR B 237 -5.62 13.67 -16.37
C TYR B 237 -4.37 13.88 -15.50
N THR B 238 -3.87 12.81 -14.89
CA THR B 238 -2.65 12.88 -14.07
C THR B 238 -1.38 12.77 -14.91
N THR B 239 -0.28 13.30 -14.37
CA THR B 239 1.04 13.14 -14.96
C THR B 239 1.44 11.67 -15.00
N MET B 240 1.12 10.98 -13.92
CA MET B 240 1.60 9.62 -13.68
C MET B 240 1.03 8.57 -14.65
N ILE B 241 -0.02 8.91 -15.40
CA ILE B 241 -0.68 7.93 -16.27
C ILE B 241 -1.07 8.50 -17.66
N ASP B 242 -0.65 7.80 -18.73
CA ASP B 242 -1.06 8.11 -20.10
C ASP B 242 -1.76 6.94 -20.78
N SER B 243 -1.25 5.72 -20.58
CA SER B 243 -1.87 4.53 -21.19
C SER B 243 -2.36 3.52 -20.14
N ILE B 244 -2.88 2.39 -20.63
CA ILE B 244 -3.42 1.34 -19.77
C ILE B 244 -2.31 0.51 -19.13
N LYS B 245 -1.17 0.43 -19.82
CA LYS B 245 0.02 -0.29 -19.32
C LYS B 245 0.51 0.30 -17.99
N ASP B 246 0.12 1.55 -17.72
CA ASP B 246 0.56 2.30 -16.53
C ASP B 246 -0.21 1.97 -15.26
N LEU B 247 -1.42 1.45 -15.40
CA LEU B 247 -2.28 1.12 -14.27
C LEU B 247 -2.06 -0.31 -13.80
N HIS B 248 -1.52 -0.46 -12.60
CA HIS B 248 -1.05 -1.75 -12.10
C HIS B 248 -2.07 -2.41 -11.17
N TRP B 249 -3.26 -2.63 -11.72
CA TRP B 249 -4.39 -3.27 -11.04
C TRP B 249 -4.21 -4.79 -10.98
N ASP B 250 -4.91 -5.42 -10.05
CA ASP B 250 -4.86 -6.86 -9.92
C ASP B 250 -5.38 -7.51 -11.19
N ILE B 251 -6.50 -7.00 -11.65
CA ILE B 251 -7.13 -7.42 -12.89
C ILE B 251 -7.41 -6.19 -13.75
N ARG B 252 -7.15 -6.30 -15.05
CA ARG B 252 -7.09 -5.15 -15.93
C ARG B 252 -7.55 -5.53 -17.32
N PRO B 253 -8.56 -4.85 -17.85
CA PRO B 253 -8.96 -5.08 -19.24
C PRO B 253 -7.95 -4.52 -20.22
N SER B 254 -7.59 -5.33 -21.20
CA SER B 254 -6.78 -4.89 -22.34
C SER B 254 -7.67 -4.73 -23.58
N PRO B 255 -8.01 -3.49 -23.95
CA PRO B 255 -8.81 -3.24 -25.16
C PRO B 255 -8.10 -3.62 -26.47
N ALA B 256 -6.80 -3.37 -26.57
CA ALA B 256 -6.01 -3.75 -27.74
C ALA B 256 -6.11 -5.25 -28.02
N PHE B 257 -5.72 -6.06 -27.04
CA PHE B 257 -5.68 -7.51 -27.17
C PHE B 257 -7.08 -8.13 -27.05
N GLY B 258 -8.04 -7.34 -26.58
CA GLY B 258 -9.42 -7.80 -26.37
C GLY B 258 -9.59 -8.80 -25.24
N THR B 259 -8.94 -8.54 -24.11
CA THR B 259 -8.90 -9.49 -22.99
C THR B 259 -9.15 -8.87 -21.63
N VAL B 260 -9.30 -9.74 -20.63
CA VAL B 260 -9.19 -9.37 -19.22
C VAL B 260 -7.95 -10.07 -18.67
N GLU B 261 -6.99 -9.30 -18.16
CA GLU B 261 -5.72 -9.85 -17.66
C GLU B 261 -5.67 -9.94 -16.14
N VAL B 262 -5.52 -11.13 -15.59
CA VAL B 262 -5.35 -11.24 -14.16
C VAL B 262 -3.83 -11.27 -13.89
N ARG B 263 -3.39 -10.49 -12.90
CA ARG B 263 -1.99 -10.08 -12.80
C ARG B 263 -1.41 -10.27 -11.41
N VAL B 264 -2.01 -11.15 -10.62
CA VAL B 264 -1.67 -11.22 -9.19
C VAL B 264 -0.75 -12.38 -8.77
N MET B 265 -0.52 -13.35 -9.65
CA MET B 265 0.16 -14.57 -9.27
C MET B 265 1.66 -14.45 -9.34
N ASP B 266 2.35 -15.19 -8.47
CA ASP B 266 3.79 -15.26 -8.53
C ASP B 266 4.12 -16.20 -9.68
N THR B 267 5.27 -15.95 -10.31
CA THR B 267 5.80 -16.89 -11.27
C THR B 267 6.04 -18.18 -10.51
N PRO B 268 5.46 -19.28 -10.98
CA PRO B 268 5.65 -20.58 -10.33
C PRO B 268 7.01 -21.20 -10.65
N LEU B 269 7.29 -22.30 -9.97
CA LEU B 269 8.58 -22.97 -10.06
C LEU B 269 8.65 -23.87 -11.27
N THR B 270 7.50 -24.23 -11.81
CA THR B 270 7.44 -25.13 -12.94
C THR B 270 6.42 -24.66 -13.99
N LEU B 271 6.58 -25.11 -15.23
CA LEU B 271 5.66 -24.75 -16.31
C LEU B 271 4.28 -25.40 -16.11
N ASP B 272 4.26 -26.59 -15.54
CA ASP B 272 3.01 -27.31 -15.25
C ASP B 272 2.06 -26.55 -14.30
N HIS B 273 2.61 -25.91 -13.28
CA HIS B 273 1.81 -25.17 -12.28
C HIS B 273 1.34 -23.86 -12.91
N ALA B 274 2.18 -23.31 -13.77
CA ALA B 274 1.82 -22.13 -14.55
C ALA B 274 0.59 -22.41 -15.41
N ILE B 275 0.56 -23.58 -16.01
CA ILE B 275 -0.47 -23.96 -16.93
C ILE B 275 -1.76 -24.34 -16.19
N ASN B 276 -1.63 -24.92 -15.01
CA ASN B 276 -2.80 -25.29 -14.23
C ASN B 276 -3.57 -24.04 -13.77
N MET B 277 -2.85 -22.95 -13.59
CA MET B 277 -3.45 -21.74 -13.09
C MET B 277 -4.16 -21.05 -14.24
N ALA B 278 -3.54 -21.09 -15.41
CA ALA B 278 -4.15 -20.60 -16.64
C ALA B 278 -5.43 -21.36 -16.93
N GLY B 279 -5.40 -22.68 -16.67
CA GLY B 279 -6.54 -23.53 -16.90
C GLY B 279 -7.71 -23.20 -15.98
N LEU B 280 -7.39 -22.98 -14.71
CA LEU B 280 -8.39 -22.60 -13.73
C LEU B 280 -8.96 -21.25 -14.08
N ILE B 281 -8.12 -20.33 -14.51
CA ILE B 281 -8.56 -18.98 -14.79
C ILE B 281 -9.49 -18.96 -16.01
N GLN B 282 -9.20 -19.79 -17.02
CA GLN B 282 -10.04 -19.82 -18.23
C GLN B 282 -11.35 -20.54 -17.98
N ALA B 283 -11.28 -21.61 -17.20
CA ALA B 283 -12.47 -22.34 -16.79
C ALA B 283 -13.38 -21.46 -15.94
N THR B 284 -12.78 -20.57 -15.15
CA THR B 284 -13.53 -19.71 -14.25
C THR B 284 -14.21 -18.61 -15.04
N ALA B 285 -13.54 -18.14 -16.09
CA ALA B 285 -14.08 -17.10 -16.98
C ALA B 285 -15.28 -17.63 -17.74
N HIS B 286 -15.22 -18.91 -18.10
CA HIS B 286 -16.29 -19.56 -18.85
C HIS B 286 -17.50 -19.77 -17.98
N TRP B 287 -17.28 -20.28 -16.77
CA TRP B 287 -18.36 -20.48 -15.82
C TRP B 287 -19.07 -19.15 -15.54
N LEU B 288 -18.31 -18.09 -15.40
CA LEU B 288 -18.86 -16.79 -15.02
C LEU B 288 -19.74 -16.19 -16.11
N LEU B 289 -19.22 -16.18 -17.33
CA LEU B 289 -19.89 -15.55 -18.47
C LEU B 289 -21.10 -16.38 -18.90
N THR B 290 -20.98 -17.68 -18.68
CA THR B 290 -21.92 -18.69 -19.16
C THR B 290 -23.09 -18.97 -18.19
N GLU B 291 -22.82 -18.96 -16.88
CA GLU B 291 -23.85 -19.19 -15.85
C GLU B 291 -24.27 -17.92 -15.07
N ARG B 292 -23.51 -16.83 -15.20
CA ARG B 292 -23.73 -15.54 -14.48
C ARG B 292 -24.12 -15.63 -13.01
N PRO B 293 -23.23 -16.18 -12.18
CA PRO B 293 -23.46 -16.43 -10.73
C PRO B 293 -23.81 -15.21 -9.92
N PHE B 294 -23.19 -14.12 -10.35
CA PHE B 294 -23.22 -12.88 -9.63
C PHE B 294 -23.92 -11.75 -10.36
N LYS B 295 -24.59 -10.90 -9.59
CA LYS B 295 -24.98 -9.56 -10.04
C LYS B 295 -24.03 -8.58 -9.34
N PRO B 296 -22.90 -8.27 -9.97
CA PRO B 296 -21.84 -7.48 -9.33
C PRO B 296 -22.28 -6.07 -8.89
N GLN B 297 -21.75 -5.62 -7.76
CA GLN B 297 -22.07 -4.32 -7.18
C GLN B 297 -20.87 -3.77 -6.39
N GLU B 298 -20.70 -2.46 -6.33
CA GLU B 298 -19.56 -1.88 -5.61
C GLU B 298 -19.39 -2.43 -4.19
N GLN B 299 -20.50 -2.63 -3.46
CA GLN B 299 -20.43 -3.08 -2.08
C GLN B 299 -19.84 -4.50 -1.96
N ASP B 300 -19.71 -5.21 -3.08
CA ASP B 300 -19.08 -6.54 -3.11
C ASP B 300 -17.58 -6.48 -2.80
N TYR B 301 -16.93 -5.40 -3.24
CA TYR B 301 -15.51 -5.12 -2.98
C TYR B 301 -15.15 -4.57 -1.59
N LEU B 302 -16.11 -4.38 -0.69
CA LEU B 302 -15.82 -3.79 0.62
C LEU B 302 -14.66 -4.46 1.38
N LEU B 303 -14.64 -5.78 1.38
CA LEU B 303 -13.61 -6.54 2.10
C LEU B 303 -12.51 -7.09 1.19
N TYR B 304 -12.40 -6.57 -0.02
CA TYR B 304 -11.48 -7.12 -1.01
C TYR B 304 -10.05 -7.17 -0.49
N LYS B 305 -9.58 -6.04 0.04
CA LYS B 305 -8.19 -5.89 0.47
C LYS B 305 -7.89 -6.68 1.74
N PHE B 306 -8.91 -6.91 2.57
CA PHE B 306 -8.75 -7.76 3.75
C PHE B 306 -8.62 -9.23 3.36
N ASN B 307 -9.42 -9.66 2.41
CA ASN B 307 -9.33 -11.00 1.91
C ASN B 307 -8.05 -11.29 1.14
N ARG B 308 -7.56 -10.36 0.32
CA ARG B 308 -6.31 -10.67 -0.38
C ARG B 308 -5.09 -10.62 0.54
N PHE B 309 -5.14 -9.80 1.58
CA PHE B 309 -4.11 -9.85 2.61
C PHE B 309 -4.04 -11.22 3.28
N GLN B 310 -5.20 -11.78 3.60
CA GLN B 310 -5.25 -13.10 4.21
C GLN B 310 -4.59 -14.18 3.34
N ALA B 311 -4.81 -14.10 2.03
CA ALA B 311 -4.19 -15.02 1.08
C ALA B 311 -2.67 -14.83 0.97
N CYS B 312 -2.23 -13.58 1.02
CA CYS B 312 -0.81 -13.26 0.96
C CYS B 312 -0.08 -13.74 2.21
N ARG B 313 -0.65 -13.42 3.36
CA ARG B 313 -0.06 -13.74 4.64
C ARG B 313 -0.14 -15.24 4.85
N TYR B 314 -1.35 -15.77 4.97
CA TYR B 314 -1.53 -17.19 5.27
C TYR B 314 -1.63 -17.99 3.98
N GLY B 315 -1.80 -19.29 4.06
CA GLY B 315 -1.82 -20.01 2.80
C GLY B 315 -3.20 -19.98 2.19
N LEU B 316 -3.60 -21.18 1.79
CA LEU B 316 -4.98 -21.56 1.80
C LEU B 316 -5.49 -21.55 3.26
N GLU B 317 -4.61 -21.27 4.22
CA GLU B 317 -5.02 -21.14 5.63
C GLU B 317 -5.71 -19.82 5.93
N GLY B 318 -5.57 -18.83 5.05
CA GLY B 318 -6.26 -17.57 5.23
C GLY B 318 -7.76 -17.74 5.27
N VAL B 319 -8.45 -16.88 5.99
CA VAL B 319 -9.90 -16.97 6.12
C VAL B 319 -10.55 -15.83 5.35
N LEU B 320 -11.59 -16.18 4.60
CA LEU B 320 -12.27 -15.26 3.71
C LEU B 320 -13.59 -14.83 4.36
N THR B 321 -13.91 -13.53 4.27
CA THR B 321 -15.08 -12.96 4.94
C THR B 321 -16.05 -12.42 3.90
N ASP B 322 -17.33 -12.74 4.07
CA ASP B 322 -18.38 -12.27 3.19
C ASP B 322 -18.79 -10.85 3.60
N ALA B 323 -18.84 -9.96 2.64
CA ALA B 323 -19.18 -8.57 2.89
C ALA B 323 -20.59 -8.36 3.48
N TYR B 324 -21.55 -9.24 3.16
CA TYR B 324 -22.96 -9.04 3.56
C TYR B 324 -23.40 -9.78 4.83
N THR B 325 -23.05 -11.06 4.93
CA THR B 325 -23.49 -11.92 6.06
C THR B 325 -22.43 -12.05 7.19
N GLY B 326 -21.18 -11.74 6.89
CA GLY B 326 -20.11 -11.86 7.85
C GLY B 326 -19.62 -13.27 8.05
N ASP B 327 -20.02 -14.16 7.15
CA ASP B 327 -19.62 -15.58 7.22
C ASP B 327 -18.14 -15.79 6.92
N ARG B 328 -17.50 -16.62 7.74
CA ARG B 328 -16.09 -16.93 7.58
C ARG B 328 -15.94 -18.35 7.03
N ARG B 329 -15.36 -18.45 5.83
CA ARG B 329 -14.97 -19.74 5.29
C ARG B 329 -13.45 -19.77 5.10
N ARG B 330 -12.83 -20.88 5.51
CA ARG B 330 -11.40 -21.07 5.29
C ARG B 330 -11.12 -21.13 3.78
N LEU B 331 -9.95 -20.67 3.36
CA LEU B 331 -9.66 -20.50 1.94
C LEU B 331 -9.43 -21.82 1.18
N ALA B 332 -8.89 -22.83 1.85
CA ALA B 332 -8.77 -24.15 1.27
C ALA B 332 -10.17 -24.72 0.95
N ASP B 333 -11.08 -24.55 1.89
CA ASP B 333 -12.44 -25.05 1.75
C ASP B 333 -13.17 -24.37 0.57
N ASP B 334 -13.02 -23.05 0.45
CA ASP B 334 -13.69 -22.29 -0.59
C ASP B 334 -13.08 -22.48 -1.98
N THR B 335 -11.82 -22.87 -2.04
CA THR B 335 -11.19 -23.19 -3.31
C THR B 335 -11.71 -24.53 -3.85
N LEU B 336 -12.08 -25.45 -2.96
CA LEU B 336 -12.73 -26.70 -3.37
C LEU B 336 -14.13 -26.43 -3.95
N ARG B 337 -14.84 -25.44 -3.42
CA ARG B 337 -16.13 -25.03 -3.99
C ARG B 337 -15.94 -24.47 -5.39
N LEU B 338 -14.88 -23.68 -5.56
CA LEU B 338 -14.60 -23.03 -6.83
C LEU B 338 -14.20 -24.09 -7.83
N LEU B 339 -13.42 -25.06 -7.37
CA LEU B 339 -13.02 -26.18 -8.20
C LEU B 339 -14.25 -26.97 -8.72
N ASP B 340 -15.15 -27.38 -7.83
CA ASP B 340 -16.36 -28.12 -8.22
C ASP B 340 -17.23 -27.32 -9.20
N ASN B 341 -17.35 -26.01 -8.96
CA ASN B 341 -18.25 -25.16 -9.74
C ASN B 341 -17.83 -24.97 -11.19
N VAL B 342 -16.52 -25.03 -11.43
CA VAL B 342 -15.97 -24.76 -12.75
C VAL B 342 -15.51 -26.07 -13.40
N THR B 343 -15.85 -27.20 -12.77
CA THR B 343 -15.53 -28.51 -13.32
C THR B 343 -16.20 -28.74 -14.67
N PRO B 344 -17.51 -28.50 -14.79
CA PRO B 344 -18.19 -28.58 -16.09
C PRO B 344 -17.63 -27.62 -17.14
N SER B 345 -17.23 -26.42 -16.75
CA SER B 345 -16.61 -25.46 -17.68
C SER B 345 -15.24 -25.95 -18.15
N ALA B 346 -14.47 -26.52 -17.23
CA ALA B 346 -13.11 -26.95 -17.53
C ALA B 346 -13.11 -28.12 -18.50
N ARG B 347 -14.02 -29.06 -18.28
CA ARG B 347 -14.17 -30.24 -19.15
C ARG B 347 -14.46 -29.83 -20.60
N LYS B 348 -15.37 -28.87 -20.77
CA LYS B 348 -15.76 -28.36 -22.08
C LYS B 348 -14.58 -27.73 -22.84
N LEU B 349 -13.61 -27.16 -22.11
CA LEU B 349 -12.48 -26.44 -22.73
C LEU B 349 -11.16 -27.23 -22.80
N GLY B 350 -11.15 -28.44 -22.24
CA GLY B 350 -9.97 -29.30 -22.27
C GLY B 350 -8.96 -28.97 -21.20
N ALA B 351 -9.44 -28.34 -20.12
CA ALA B 351 -8.59 -27.94 -19.01
C ALA B 351 -8.92 -28.73 -17.74
N ASP B 352 -9.53 -29.89 -17.89
CA ASP B 352 -9.93 -30.67 -16.72
C ASP B 352 -8.75 -31.36 -16.02
N SER B 353 -7.61 -31.43 -16.71
CA SER B 353 -6.38 -31.94 -16.11
C SER B 353 -5.82 -30.95 -15.08
N ALA B 354 -6.04 -29.65 -15.33
CA ALA B 354 -5.56 -28.59 -14.46
C ALA B 354 -6.34 -28.50 -13.13
N ILE B 355 -7.65 -28.68 -13.19
CA ILE B 355 -8.43 -28.60 -11.97
C ILE B 355 -8.35 -29.93 -11.19
N ASP B 356 -7.87 -30.99 -11.83
CA ASP B 356 -7.59 -32.25 -11.12
C ASP B 356 -6.30 -32.12 -10.31
N ALA B 357 -5.30 -31.46 -10.90
CA ALA B 357 -4.00 -31.27 -10.23
C ALA B 357 -4.09 -30.31 -9.05
N LEU B 358 -4.94 -29.30 -9.18
CA LEU B 358 -5.14 -28.29 -8.16
C LEU B 358 -5.99 -28.84 -7.01
N ARG B 359 -7.00 -29.66 -7.30
CA ARG B 359 -7.78 -30.28 -6.24
C ARG B 359 -6.88 -31.13 -5.34
N LEU B 360 -5.94 -31.82 -5.96
CA LEU B 360 -4.88 -32.57 -5.27
C LEU B 360 -4.06 -31.64 -4.36
N GLN B 361 -3.64 -30.50 -4.90
CA GLN B 361 -2.84 -29.54 -4.15
C GLN B 361 -3.60 -29.02 -2.92
N VAL B 362 -4.87 -28.71 -3.10
CA VAL B 362 -5.69 -28.17 -2.02
C VAL B 362 -5.98 -29.20 -0.94
N LYS B 363 -6.19 -30.45 -1.35
CA LYS B 363 -6.53 -31.53 -0.42
C LYS B 363 -5.29 -31.99 0.33
N LYS B 364 -4.21 -32.26 -0.40
CA LYS B 364 -2.97 -32.74 0.21
C LYS B 364 -1.93 -31.63 0.35
N GLY B 365 -2.23 -30.62 1.19
CA GLY B 365 -1.24 -29.62 1.58
C GLY B 365 -1.47 -28.21 1.05
N GLY B 366 -0.50 -27.68 0.29
CA GLY B 366 -0.54 -26.29 -0.15
C GLY B 366 0.47 -25.86 -1.23
N ASN B 367 0.85 -24.58 -1.21
CA ASN B 367 1.57 -23.93 -2.31
C ASN B 367 3.08 -24.13 -2.31
N GLU B 368 3.74 -23.62 -3.35
CA GLU B 368 5.19 -23.73 -3.53
C GLU B 368 6.00 -22.98 -2.44
N ALA B 369 5.39 -21.94 -1.85
CA ALA B 369 6.04 -21.19 -0.76
C ALA B 369 6.14 -22.04 0.49
N GLN B 370 5.12 -22.84 0.74
CA GLN B 370 5.12 -23.75 1.88
C GLN B 370 6.25 -24.77 1.73
N TYR B 371 6.44 -25.27 0.50
CA TYR B 371 7.46 -26.28 0.25
C TYR B 371 8.85 -25.68 0.16
N MET B 372 8.93 -24.37 0.02
CA MET B 372 10.18 -23.65 0.12
C MET B 372 10.65 -23.64 1.59
N ARG B 373 9.72 -23.35 2.50
CA ARG B 373 9.99 -23.37 3.95
C ARG B 373 10.37 -24.74 4.47
N GLU B 374 9.80 -25.79 3.87
CA GLU B 374 10.06 -27.16 4.31
C GLU B 374 11.47 -27.61 3.92
N PHE B 375 11.98 -27.05 2.83
CA PHE B 375 13.33 -27.32 2.35
C PHE B 375 14.36 -26.71 3.31
N ILE B 376 14.01 -25.54 3.86
CA ILE B 376 14.89 -24.82 4.79
C ILE B 376 14.81 -25.41 6.21
N ALA B 377 13.62 -25.85 6.62
CA ALA B 377 13.44 -26.54 7.90
C ALA B 377 14.14 -27.89 7.90
N ASP B 378 14.35 -28.43 6.70
CA ASP B 378 14.98 -29.73 6.49
C ASP B 378 16.50 -29.69 6.61
N GLY B 379 17.07 -28.50 6.59
CA GLY B 379 18.51 -28.35 6.63
C GLY B 379 19.08 -27.72 5.39
N GLY B 380 18.22 -27.10 4.58
CA GLY B 380 18.67 -26.46 3.36
C GLY B 380 19.17 -25.04 3.61
N SER B 381 19.92 -24.53 2.64
CA SER B 381 20.38 -23.16 2.66
C SER B 381 19.65 -22.39 1.56
N LEU B 382 19.63 -21.07 1.65
CA LEU B 382 18.97 -20.26 0.62
C LEU B 382 19.63 -20.36 -0.77
N ILE B 383 20.95 -20.52 -0.82
CA ILE B 383 21.64 -20.78 -2.09
C ILE B 383 21.22 -22.13 -2.68
N GLY B 384 21.10 -23.13 -1.84
CA GLY B 384 20.63 -24.43 -2.28
C GLY B 384 19.19 -24.39 -2.74
N LEU B 385 18.41 -23.48 -2.16
CA LEU B 385 17.01 -23.29 -2.54
C LEU B 385 16.89 -22.90 -3.99
N VAL B 386 17.69 -21.91 -4.39
CA VAL B 386 17.62 -21.38 -5.73
C VAL B 386 18.17 -22.41 -6.71
N GLN B 387 19.14 -23.19 -6.26
CA GLN B 387 19.74 -24.19 -7.14
C GLN B 387 18.73 -25.29 -7.40
N LYS B 388 18.03 -25.71 -6.36
CA LYS B 388 17.00 -26.73 -6.50
C LYS B 388 15.93 -26.21 -7.44
N HIS B 389 15.69 -24.90 -7.40
CA HIS B 389 14.64 -24.30 -8.20
C HIS B 389 15.00 -24.27 -9.69
N CYS B 390 16.29 -24.16 -10.01
CA CYS B 390 16.75 -24.21 -11.40
C CYS B 390 16.63 -25.63 -11.96
N GLU B 391 16.88 -26.63 -11.11
CA GLU B 391 16.70 -28.04 -11.47
C GLU B 391 15.23 -28.43 -11.68
N ILE B 392 14.32 -27.93 -10.86
CA ILE B 392 12.90 -28.28 -10.98
C ILE B 392 12.34 -27.78 -12.31
N TRP B 393 12.90 -26.67 -12.79
CA TRP B 393 12.60 -26.12 -14.11
C TRP B 393 13.28 -26.93 -15.24
N ALA B 394 12.86 -28.18 -15.42
CA ALA B 394 13.41 -29.09 -16.45
C ALA B 394 12.90 -30.51 -16.24
#